data_7L6C
#
_entry.id   7L6C
#
_cell.length_a   206.660
_cell.length_b   92.630
_cell.length_c   98.130
_cell.angle_alpha   90.000
_cell.angle_beta   118.318
_cell.angle_gamma   90.000
#
_symmetry.space_group_name_H-M   'C 1 2 1'
#
loop_
_entity.id
_entity.type
_entity.pdbx_description
1 polymer 'Enoyl-[acyl-carrier-protein] reductase [NADH]'
2 non-polymer NICOTINAMIDE-ADENINE-DINUCLEOTIDE
3 non-polymer 1,2-ETHANEDIOL
4 non-polymer 'SODIUM ION'
5 water water
#
_entity_poly.entity_id   1
_entity_poly.type   'polypeptide(L)'
_entity_poly.pdbx_seq_one_letter_code
;MAHHHHHHMAGLLEGKRILVTGIITDSSIAFHIAKVAQEQGAELVLTGFDRLRLIERITQRLPKPAPLLELDVQNEEHLG
SLAGRISEVIGEGNKLDGVVHSIGFMPQSGMGVNPFFDAPFADVSKGFHISAFSYSSLAKAVLPVMNRGGSIVGMDFDPT
RAMPAYNWMTVAKSALESVNRFVAREAGKVGVRSNLVAAGPIRTLAMSAIVGGALGDEAGQQMQLLEEGWDQRAPIGWDM
KDPTPVAKTVCALLSDWLPATTGDIIFADGGAHTQLL
;
_entity_poly.pdbx_strand_id   A,B,C,D
#
# COMPACT_ATOMS: atom_id res chain seq x y z
N GLY A 11 -25.71 21.67 -13.32
CA GLY A 11 -24.27 21.68 -13.12
C GLY A 11 -23.82 20.78 -11.97
N LEU A 12 -22.60 20.24 -12.09
CA LEU A 12 -22.09 19.30 -11.11
C LEU A 12 -21.99 19.91 -9.72
N LEU A 13 -21.68 21.20 -9.63
CA LEU A 13 -21.53 21.86 -8.33
C LEU A 13 -22.54 22.99 -8.16
N GLU A 14 -23.72 22.84 -8.75
CA GLU A 14 -24.71 23.90 -8.78
C GLU A 14 -25.10 24.34 -7.36
N GLY A 15 -24.98 25.65 -7.12
CA GLY A 15 -25.40 26.23 -5.86
C GLY A 15 -24.40 26.06 -4.74
N LYS A 16 -23.28 25.41 -4.99
CA LYS A 16 -22.31 25.17 -3.94
C LYS A 16 -21.35 26.35 -3.83
N ARG A 17 -21.02 26.71 -2.59
CA ARG A 17 -20.03 27.73 -2.30
C ARG A 17 -18.70 27.07 -1.96
N ILE A 18 -17.64 27.44 -2.66
CA ILE A 18 -16.37 26.73 -2.60
C ILE A 18 -15.23 27.74 -2.47
N LEU A 19 -14.33 27.49 -1.51
CA LEU A 19 -13.10 28.26 -1.33
C LEU A 19 -11.97 27.58 -2.09
N VAL A 20 -11.26 28.34 -2.93
CA VAL A 20 -10.15 27.78 -3.71
C VAL A 20 -8.88 28.55 -3.39
N THR A 21 -7.92 27.88 -2.78
CA THR A 21 -6.60 28.45 -2.56
C THR A 21 -5.69 28.09 -3.73
N GLY A 22 -4.56 28.78 -3.83
CA GLY A 22 -3.45 28.30 -4.64
C GLY A 22 -3.31 28.84 -6.06
N ILE A 23 -4.10 29.82 -6.45
CA ILE A 23 -3.88 30.46 -7.76
C ILE A 23 -2.70 31.41 -7.68
N ILE A 24 -1.73 31.26 -8.59
CA ILE A 24 -0.69 32.26 -8.75
C ILE A 24 -0.60 32.70 -10.23
N THR A 25 -0.72 31.76 -11.18
CA THR A 25 -0.79 32.08 -12.61
C THR A 25 -1.95 31.29 -13.22
N ASP A 26 -2.21 31.56 -14.50
CA ASP A 26 -3.27 30.81 -15.17
C ASP A 26 -2.83 29.39 -15.57
N SER A 27 -1.60 29.00 -15.25
CA SER A 27 -1.20 27.61 -15.36
C SER A 27 -1.44 26.84 -14.06
N SER A 28 -1.70 27.52 -12.94
CA SER A 28 -1.88 26.84 -11.64
C SER A 28 -3.00 25.81 -11.71
N ILE A 29 -2.76 24.66 -11.08
CA ILE A 29 -3.82 23.66 -10.98
C ILE A 29 -5.07 24.29 -10.37
N ALA A 30 -4.88 25.15 -9.36
CA ALA A 30 -6.00 25.83 -8.71
C ALA A 30 -6.78 26.71 -9.67
N PHE A 31 -6.10 27.36 -10.64
CA PHE A 31 -6.85 28.16 -11.60
C PHE A 31 -7.82 27.30 -12.39
N HIS A 32 -7.38 26.10 -12.79
CA HIS A 32 -8.24 25.25 -13.59
C HIS A 32 -9.33 24.60 -12.74
N ILE A 33 -9.02 24.26 -11.50
CA ILE A 33 -10.07 23.84 -10.56
C ILE A 33 -11.15 24.92 -10.48
N ALA A 34 -10.71 26.17 -10.30
CA ALA A 34 -11.67 27.28 -10.19
C ALA A 34 -12.49 27.42 -11.47
N LYS A 35 -11.83 27.32 -12.61
CA LYS A 35 -12.51 27.48 -13.89
C LYS A 35 -13.60 26.42 -14.07
N VAL A 36 -13.25 25.15 -13.87
CA VAL A 36 -14.24 24.09 -14.05
C VAL A 36 -15.35 24.22 -13.01
N ALA A 37 -15.00 24.56 -11.76
CA ALA A 37 -16.03 24.69 -10.72
C ALA A 37 -17.04 25.76 -11.07
N GLN A 38 -16.59 26.91 -11.58
CA GLN A 38 -17.53 27.95 -11.98
C GLN A 38 -18.40 27.50 -13.16
N GLU A 39 -17.80 26.84 -14.15
CA GLU A 39 -18.56 26.29 -15.26
C GLU A 39 -19.63 25.30 -14.79
N GLN A 40 -19.41 24.65 -13.64
CA GLN A 40 -20.33 23.70 -13.07
C GLN A 40 -21.25 24.29 -12.00
N GLY A 41 -21.39 25.63 -11.97
CA GLY A 41 -22.39 26.29 -11.14
C GLY A 41 -21.94 26.71 -9.76
N ALA A 42 -20.67 26.50 -9.40
CA ALA A 42 -20.23 26.85 -8.06
C ALA A 42 -20.00 28.35 -7.92
N GLU A 43 -20.22 28.86 -6.72
CA GLU A 43 -19.87 30.22 -6.35
CA GLU A 43 -19.88 30.22 -6.35
C GLU A 43 -18.60 30.17 -5.53
N LEU A 44 -17.58 30.88 -5.97
CA LEU A 44 -16.25 30.71 -5.40
C LEU A 44 -15.85 31.88 -4.52
N VAL A 45 -14.99 31.57 -3.55
CA VAL A 45 -14.15 32.53 -2.87
C VAL A 45 -12.71 32.09 -3.13
N LEU A 46 -11.86 33.02 -3.49
CA LEU A 46 -10.48 32.69 -3.83
C LEU A 46 -9.57 33.30 -2.77
N THR A 47 -8.41 32.67 -2.56
CA THR A 47 -7.39 33.25 -1.72
C THR A 47 -6.10 33.36 -2.53
N GLY A 48 -5.24 34.27 -2.10
CA GLY A 48 -3.96 34.45 -2.76
C GLY A 48 -2.87 34.75 -1.74
N PHE A 49 -1.66 34.33 -2.08
CA PHE A 49 -0.50 34.52 -1.22
C PHE A 49 0.52 35.45 -1.88
N ASP A 50 0.92 36.50 -1.15
CA ASP A 50 2.09 37.32 -1.49
C ASP A 50 1.89 38.26 -2.69
N ARG A 51 1.63 37.70 -3.87
CA ARG A 51 1.61 38.48 -5.12
CA ARG A 51 1.62 38.49 -5.11
C ARG A 51 0.17 38.83 -5.49
N LEU A 52 -0.45 39.67 -4.65
CA LEU A 52 -1.89 39.88 -4.74
C LEU A 52 -2.29 40.72 -5.95
N ARG A 53 -1.45 41.67 -6.40
CA ARG A 53 -1.80 42.41 -7.60
C ARG A 53 -1.80 41.48 -8.82
N LEU A 54 -0.82 40.58 -8.89
CA LEU A 54 -0.79 39.64 -10.01
C LEU A 54 -1.98 38.69 -9.94
N ILE A 55 -2.29 38.17 -8.75
CA ILE A 55 -3.36 37.17 -8.64
C ILE A 55 -4.70 37.80 -8.98
N GLU A 56 -4.92 39.05 -8.57
CA GLU A 56 -6.14 39.75 -8.95
C GLU A 56 -6.33 39.78 -10.46
N ARG A 57 -5.26 40.11 -11.19
CA ARG A 57 -5.34 40.10 -12.66
C ARG A 57 -5.57 38.70 -13.19
N ILE A 58 -4.88 37.70 -12.61
CA ILE A 58 -5.07 36.32 -13.06
C ILE A 58 -6.52 35.89 -12.89
N THR A 59 -7.13 36.22 -11.74
CA THR A 59 -8.50 35.78 -11.49
C THR A 59 -9.51 36.45 -12.39
N GLN A 60 -9.14 37.57 -13.04
CA GLN A 60 -10.01 38.14 -14.07
C GLN A 60 -10.11 37.26 -15.31
N ARG A 61 -9.20 36.30 -15.49
CA ARG A 61 -9.32 35.38 -16.61
C ARG A 61 -10.33 34.27 -16.36
N LEU A 62 -10.80 34.11 -15.13
CA LEU A 62 -11.80 33.08 -14.81
C LEU A 62 -13.14 33.44 -15.42
N PRO A 63 -14.02 32.44 -15.63
CA PRO A 63 -15.33 32.71 -16.26
C PRO A 63 -16.20 33.71 -15.52
N LYS A 64 -16.15 33.74 -14.20
CA LYS A 64 -17.05 34.56 -13.41
C LYS A 64 -16.27 35.32 -12.36
N PRO A 65 -16.82 36.43 -11.87
CA PRO A 65 -16.18 37.15 -10.75
C PRO A 65 -16.18 36.32 -9.47
N ALA A 66 -15.18 36.59 -8.62
CA ALA A 66 -15.05 35.91 -7.35
C ALA A 66 -14.24 36.80 -6.43
N PRO A 67 -14.65 36.98 -5.16
CA PRO A 67 -13.83 37.77 -4.25
C PRO A 67 -12.51 37.09 -3.94
N LEU A 68 -11.48 37.91 -3.74
CA LEU A 68 -10.14 37.43 -3.48
C LEU A 68 -9.71 37.86 -2.08
N LEU A 69 -9.29 36.89 -1.27
CA LEU A 69 -8.86 37.14 0.10
C LEU A 69 -7.38 36.80 0.25
N GLU A 70 -6.65 37.57 1.03
CA GLU A 70 -5.24 37.24 1.25
C GLU A 70 -5.11 36.10 2.25
N LEU A 71 -4.25 35.12 1.95
CA LEU A 71 -3.99 34.02 2.88
C LEU A 71 -2.55 33.53 2.71
N ASP A 72 -1.72 33.81 3.70
CA ASP A 72 -0.41 33.18 3.89
C ASP A 72 -0.61 32.11 4.96
N VAL A 73 -0.47 30.84 4.58
CA VAL A 73 -0.78 29.76 5.53
C VAL A 73 0.25 29.63 6.64
N GLN A 74 1.37 30.35 6.54
CA GLN A 74 2.28 30.43 7.67
C GLN A 74 1.89 31.51 8.66
N ASN A 75 0.85 32.30 8.34
CA ASN A 75 0.48 33.48 9.12
C ASN A 75 -0.74 33.13 9.95
N GLU A 76 -0.54 32.98 11.27
CA GLU A 76 -1.63 32.54 12.14
C GLU A 76 -2.71 33.59 12.29
N GLU A 77 -2.37 34.87 12.09
CA GLU A 77 -3.39 35.92 12.05
C GLU A 77 -4.27 35.78 10.81
N HIS A 78 -3.67 35.53 9.64
CA HIS A 78 -4.46 35.28 8.43
C HIS A 78 -5.41 34.11 8.63
N LEU A 79 -4.90 33.02 9.21
CA LEU A 79 -5.72 31.83 9.44
C LEU A 79 -6.85 32.12 10.43
N GLY A 80 -6.53 32.82 11.52
CA GLY A 80 -7.53 33.08 12.56
C GLY A 80 -8.65 34.02 12.14
N SER A 81 -8.40 34.87 11.14
CA SER A 81 -9.42 35.81 10.67
C SER A 81 -10.17 35.28 9.46
N LEU A 82 -9.70 34.16 8.90
CA LEU A 82 -10.16 33.69 7.59
C LEU A 82 -11.65 33.36 7.60
N ALA A 83 -12.13 32.66 8.63
CA ALA A 83 -13.55 32.29 8.66
C ALA A 83 -14.43 33.52 8.61
N GLY A 84 -14.13 34.53 9.44
CA GLY A 84 -14.90 35.76 9.44
C GLY A 84 -14.80 36.52 8.14
N ARG A 85 -13.60 36.52 7.53
CA ARG A 85 -13.45 37.18 6.25
C ARG A 85 -14.21 36.45 5.16
N ILE A 86 -14.31 35.13 5.25
CA ILE A 86 -15.15 34.37 4.33
C ILE A 86 -16.62 34.72 4.56
N SER A 87 -17.05 34.72 5.82
CA SER A 87 -18.45 35.03 6.10
C SER A 87 -18.81 36.42 5.58
N GLU A 88 -17.89 37.38 5.67
CA GLU A 88 -18.16 38.72 5.18
C GLU A 88 -18.50 38.71 3.70
N VAL A 89 -17.85 37.86 2.90
CA VAL A 89 -18.08 37.91 1.46
C VAL A 89 -19.17 36.96 0.98
N ILE A 90 -19.51 35.91 1.73
CA ILE A 90 -20.56 35.01 1.26
C ILE A 90 -21.94 35.31 1.87
N GLY A 91 -22.00 36.11 2.93
CA GLY A 91 -23.27 36.46 3.52
C GLY A 91 -23.43 35.90 4.93
N GLU A 92 -24.20 36.63 5.75
CA GLU A 92 -24.25 36.36 7.19
C GLU A 92 -24.66 34.92 7.49
N GLY A 93 -25.75 34.46 6.89
CA GLY A 93 -26.25 33.13 7.20
C GLY A 93 -25.82 31.98 6.29
N ASN A 94 -24.69 32.14 5.60
CA ASN A 94 -24.24 31.17 4.60
C ASN A 94 -22.93 30.50 5.02
N LYS A 95 -22.73 29.27 4.54
CA LYS A 95 -21.52 28.51 4.83
C LYS A 95 -20.93 27.97 3.54
N LEU A 96 -19.68 27.51 3.63
CA LEU A 96 -19.02 26.88 2.50
C LEU A 96 -19.44 25.43 2.39
N ASP A 97 -19.49 24.93 1.14
CA ASP A 97 -19.70 23.52 0.87
C ASP A 97 -18.42 22.81 0.49
N GLY A 98 -17.41 23.54 0.05
CA GLY A 98 -16.17 22.93 -0.37
C GLY A 98 -14.99 23.84 -0.11
N VAL A 99 -13.83 23.23 0.06
CA VAL A 99 -12.56 23.92 0.27
C VAL A 99 -11.51 23.17 -0.51
N VAL A 100 -10.68 23.89 -1.24
CA VAL A 100 -9.59 23.30 -2.02
C VAL A 100 -8.26 23.83 -1.48
N HIS A 101 -7.42 22.91 -1.04
CA HIS A 101 -6.02 23.17 -0.71
C HIS A 101 -5.18 22.83 -1.94
N SER A 102 -4.60 23.85 -2.58
CA SER A 102 -3.75 23.67 -3.75
C SER A 102 -2.48 24.49 -3.54
N ILE A 103 -1.80 24.16 -2.45
CA ILE A 103 -0.70 24.95 -1.90
C ILE A 103 0.49 24.04 -1.68
N GLY A 104 1.62 24.38 -2.28
CA GLY A 104 2.84 23.61 -2.06
C GLY A 104 4.05 24.46 -2.33
N PHE A 105 5.12 24.21 -1.59
CA PHE A 105 6.39 24.90 -1.81
C PHE A 105 7.49 24.13 -1.10
N MET A 106 8.65 24.05 -1.72
CA MET A 106 9.82 23.54 -1.00
C MET A 106 10.96 24.41 -1.50
N PRO A 107 11.73 25.05 -0.61
CA PRO A 107 12.88 25.85 -1.08
C PRO A 107 13.81 25.05 -1.97
N GLN A 108 14.56 25.75 -2.83
CA GLN A 108 15.42 25.10 -3.81
C GLN A 108 16.40 24.14 -3.17
N SER A 109 16.89 24.44 -1.96
CA SER A 109 17.84 23.54 -1.31
C SER A 109 17.26 22.15 -1.16
N GLY A 110 15.93 22.04 -1.07
CA GLY A 110 15.31 20.76 -0.90
C GLY A 110 14.93 20.06 -2.18
N MET A 111 15.45 20.49 -3.34
CA MET A 111 15.00 19.95 -4.62
C MET A 111 16.15 19.95 -5.63
N GLY A 112 15.91 19.33 -6.78
CA GLY A 112 16.87 19.34 -7.88
C GLY A 112 18.15 18.60 -7.52
N VAL A 113 19.25 19.02 -8.17
CA VAL A 113 20.55 18.37 -7.93
C VAL A 113 21.14 18.75 -6.57
N ASN A 114 20.52 19.67 -5.86
CA ASN A 114 21.01 20.07 -4.55
C ASN A 114 20.96 18.86 -3.62
N PRO A 115 22.08 18.48 -3.00
CA PRO A 115 22.13 17.18 -2.32
C PRO A 115 21.08 17.07 -1.23
N PHE A 116 20.38 15.93 -1.24
CA PHE A 116 19.34 15.68 -0.26
C PHE A 116 19.86 15.88 1.17
N PHE A 117 21.07 15.40 1.45
CA PHE A 117 21.64 15.48 2.80
C PHE A 117 21.99 16.89 3.21
N ASP A 118 22.12 17.82 2.26
CA ASP A 118 22.59 19.18 2.52
C ASP A 118 21.47 20.20 2.67
N ALA A 119 20.22 19.82 2.50
CA ALA A 119 19.16 20.80 2.66
C ALA A 119 19.08 21.19 4.13
N PRO A 120 19.23 22.47 4.49
CA PRO A 120 19.20 22.84 5.91
C PRO A 120 17.81 22.65 6.49
N PHE A 121 17.77 22.36 7.80
CA PHE A 121 16.48 22.05 8.42
C PHE A 121 15.51 23.21 8.24
N ALA A 122 15.98 24.45 8.35
CA ALA A 122 15.08 25.59 8.27
C ALA A 122 14.31 25.59 6.96
N ASP A 123 14.98 25.21 5.88
CA ASP A 123 14.32 25.16 4.57
C ASP A 123 13.30 24.03 4.50
N VAL A 124 13.69 22.83 4.95
CA VAL A 124 12.78 21.68 4.89
C VAL A 124 11.57 21.90 5.78
N SER A 125 11.79 22.44 6.98
CA SER A 125 10.68 22.77 7.88
C SER A 125 9.72 23.77 7.25
N LYS A 126 10.24 24.79 6.56
CA LYS A 126 9.36 25.72 5.86
C LYS A 126 8.53 25.01 4.81
N GLY A 127 9.16 24.14 4.02
CA GLY A 127 8.40 23.38 3.03
C GLY A 127 7.39 22.45 3.68
N PHE A 128 7.77 21.85 4.81
CA PHE A 128 6.84 20.97 5.52
C PHE A 128 5.64 21.77 6.04
N HIS A 129 5.90 22.97 6.55
CA HIS A 129 4.84 23.85 7.04
C HIS A 129 3.85 24.17 5.94
N ILE A 130 4.35 24.68 4.82
CA ILE A 130 3.47 25.13 3.74
C ILE A 130 2.78 23.94 3.06
N SER A 131 3.51 22.83 2.85
CA SER A 131 2.99 21.78 1.99
C SER A 131 2.22 20.69 2.73
N ALA A 132 2.41 20.51 4.03
CA ALA A 132 1.76 19.41 4.73
C ALA A 132 1.00 19.90 5.96
N PHE A 133 1.67 20.61 6.87
CA PHE A 133 1.02 21.12 8.09
C PHE A 133 -0.19 22.02 7.77
N SER A 134 -0.07 22.86 6.74
CA SER A 134 -1.11 23.83 6.41
C SER A 134 -2.37 23.17 5.91
N TYR A 135 -2.32 21.88 5.52
CA TYR A 135 -3.57 21.21 5.20
C TYR A 135 -4.42 21.06 6.47
N SER A 136 -3.77 20.77 7.61
CA SER A 136 -4.49 20.81 8.89
C SER A 136 -4.88 22.24 9.27
N SER A 137 -3.96 23.20 9.12
CA SER A 137 -4.25 24.59 9.49
C SER A 137 -5.45 25.13 8.72
N LEU A 138 -5.48 24.89 7.41
CA LEU A 138 -6.60 25.39 6.61
C LEU A 138 -7.91 24.74 7.04
N ALA A 139 -7.89 23.44 7.29
CA ALA A 139 -9.10 22.75 7.74
C ALA A 139 -9.59 23.31 9.08
N LYS A 140 -8.68 23.48 10.03
CA LYS A 140 -9.04 24.09 11.31
C LYS A 140 -9.69 25.46 11.09
N ALA A 141 -9.14 26.25 10.17
CA ALA A 141 -9.63 27.60 9.96
C ALA A 141 -10.98 27.63 9.27
N VAL A 142 -11.27 26.67 8.38
CA VAL A 142 -12.49 26.77 7.57
C VAL A 142 -13.65 25.92 8.10
N LEU A 143 -13.35 24.86 8.84
CA LEU A 143 -14.43 23.99 9.31
C LEU A 143 -15.54 24.72 10.05
N PRO A 144 -15.27 25.75 10.86
CA PRO A 144 -16.40 26.49 11.47
C PRO A 144 -17.36 27.12 10.49
N VAL A 145 -16.96 27.37 9.24
CA VAL A 145 -17.91 27.96 8.30
C VAL A 145 -18.22 27.00 7.16
N MET A 146 -18.14 25.70 7.43
CA MET A 146 -18.48 24.66 6.47
C MET A 146 -19.81 23.99 6.83
N ASN A 147 -20.63 23.76 5.82
CA ASN A 147 -21.87 23.00 5.98
C ASN A 147 -21.58 21.54 6.27
N ARG A 148 -22.50 20.88 6.98
CA ARG A 148 -22.48 19.42 7.03
C ARG A 148 -22.62 18.87 5.62
N GLY A 149 -21.93 17.77 5.34
CA GLY A 149 -21.88 17.21 4.02
C GLY A 149 -20.85 17.84 3.10
N GLY A 150 -20.04 18.76 3.62
CA GLY A 150 -19.05 19.47 2.83
C GLY A 150 -17.87 18.60 2.49
N SER A 151 -16.93 19.20 1.75
CA SER A 151 -15.84 18.42 1.19
C SER A 151 -14.58 19.26 1.18
N ILE A 152 -13.48 18.72 1.70
CA ILE A 152 -12.17 19.37 1.65
C ILE A 152 -11.26 18.53 0.76
N VAL A 153 -10.61 19.15 -0.21
CA VAL A 153 -9.78 18.42 -1.17
C VAL A 153 -8.42 19.11 -1.22
N GLY A 154 -7.35 18.31 -1.13
CA GLY A 154 -5.99 18.82 -1.29
C GLY A 154 -5.28 18.14 -2.46
N MET A 155 -4.19 18.74 -2.95
CA MET A 155 -3.43 18.20 -4.07
C MET A 155 -2.20 17.43 -3.57
N ASP A 156 -2.02 16.23 -4.10
CA ASP A 156 -0.98 15.30 -3.69
C ASP A 156 -0.20 14.92 -4.93
N PHE A 157 1.07 14.53 -4.74
CA PHE A 157 1.88 13.91 -5.78
C PHE A 157 2.43 12.63 -5.18
N ASP A 158 2.03 11.49 -5.74
CA ASP A 158 2.28 10.17 -5.17
C ASP A 158 3.71 10.05 -4.65
N PRO A 159 3.88 9.93 -3.32
CA PRO A 159 5.21 9.85 -2.71
C PRO A 159 5.54 8.45 -2.21
N THR A 160 4.82 7.44 -2.68
CA THR A 160 5.03 6.07 -2.21
C THR A 160 6.45 5.58 -2.53
N ARG A 161 7.01 6.05 -3.64
CA ARG A 161 8.35 5.64 -4.08
C ARG A 161 9.21 6.88 -4.27
N ALA A 162 10.51 6.76 -3.99
CA ALA A 162 11.37 7.92 -4.15
C ALA A 162 11.63 8.20 -5.63
N MET A 163 12.03 9.43 -5.92
CA MET A 163 12.19 9.84 -7.31
CA MET A 163 12.10 9.95 -7.29
C MET A 163 13.27 10.90 -7.37
N PRO A 164 13.88 11.09 -8.54
CA PRO A 164 14.88 12.16 -8.67
C PRO A 164 14.23 13.52 -8.54
N ALA A 165 15.02 14.48 -8.08
CA ALA A 165 14.70 15.90 -8.11
C ALA A 165 13.61 16.34 -7.13
N TYR A 166 12.56 15.53 -6.92
CA TYR A 166 11.51 15.99 -6.02
C TYR A 166 11.95 15.98 -4.55
N ASN A 167 12.93 15.15 -4.21
CA ASN A 167 13.68 15.16 -2.95
C ASN A 167 12.78 15.41 -1.75
N TRP A 168 13.00 16.52 -1.02
CA TRP A 168 12.25 16.76 0.21
C TRP A 168 10.78 17.10 -0.01
N MET A 169 10.40 17.55 -1.20
CA MET A 169 8.96 17.74 -1.45
C MET A 169 8.22 16.41 -1.40
N THR A 170 8.86 15.32 -1.84
CA THR A 170 8.27 13.99 -1.72
C THR A 170 8.03 13.65 -0.25
N VAL A 171 8.98 13.99 0.62
CA VAL A 171 8.79 13.77 2.06
C VAL A 171 7.59 14.57 2.58
N ALA A 172 7.47 15.82 2.14
CA ALA A 172 6.33 16.65 2.53
C ALA A 172 5.00 16.02 2.08
N LYS A 173 4.96 15.45 0.87
CA LYS A 173 3.74 14.82 0.39
C LYS A 173 3.42 13.56 1.19
N SER A 174 4.44 12.77 1.54
CA SER A 174 4.18 11.64 2.45
C SER A 174 3.57 12.12 3.76
N ALA A 175 4.10 13.20 4.32
CA ALA A 175 3.49 13.77 5.52
C ALA A 175 2.07 14.26 5.24
N LEU A 176 1.85 14.94 4.10
CA LEU A 176 0.52 15.42 3.78
C LEU A 176 -0.52 14.30 3.74
N GLU A 177 -0.16 13.14 3.17
CA GLU A 177 -1.10 12.03 3.12
C GLU A 177 -1.52 11.60 4.52
N SER A 178 -0.57 11.58 5.45
CA SER A 178 -0.88 11.25 6.84
C SER A 178 -1.77 12.31 7.47
N VAL A 179 -1.46 13.59 7.22
CA VAL A 179 -2.28 14.69 7.75
C VAL A 179 -3.72 14.55 7.29
N ASN A 180 -3.90 14.22 6.00
CA ASN A 180 -5.24 14.07 5.42
C ASN A 180 -6.07 13.05 6.19
N ARG A 181 -5.45 11.94 6.59
CA ARG A 181 -6.20 10.93 7.36
C ARG A 181 -6.64 11.44 8.72
N PHE A 182 -5.83 12.28 9.37
CA PHE A 182 -6.27 12.82 10.66
C PHE A 182 -7.28 13.94 10.49
N VAL A 183 -7.14 14.76 9.44
CA VAL A 183 -8.15 15.77 9.13
C VAL A 183 -9.48 15.09 8.84
N ALA A 184 -9.45 13.96 8.13
CA ALA A 184 -10.70 13.24 7.89
C ALA A 184 -11.35 12.81 9.19
N ARG A 185 -10.57 12.37 10.18
N ARG A 185 -10.57 12.42 10.19
CA ARG A 185 -11.13 12.07 11.50
CA ARG A 185 -11.11 12.07 11.51
C ARG A 185 -11.86 13.29 12.07
C ARG A 185 -11.80 13.26 12.17
N GLU A 186 -11.15 14.43 12.15
CA GLU A 186 -11.75 15.60 12.77
C GLU A 186 -12.91 16.12 11.94
N ALA A 187 -12.74 16.21 10.63
CA ALA A 187 -13.79 16.73 9.78
C ALA A 187 -15.02 15.83 9.78
N GLY A 188 -14.82 14.53 9.92
CA GLY A 188 -15.95 13.60 9.94
C GLY A 188 -16.89 13.83 11.11
N LYS A 189 -16.37 14.41 12.20
CA LYS A 189 -17.25 14.71 13.33
C LYS A 189 -18.35 15.70 12.98
N VAL A 190 -18.13 16.54 11.97
CA VAL A 190 -19.14 17.50 11.56
C VAL A 190 -19.66 17.20 10.16
N GLY A 191 -19.52 15.96 9.71
CA GLY A 191 -20.06 15.50 8.45
C GLY A 191 -19.31 15.99 7.22
N VAL A 192 -18.03 16.31 7.36
CA VAL A 192 -17.23 16.85 6.25
C VAL A 192 -16.22 15.80 5.84
N ARG A 193 -16.04 15.62 4.53
CA ARG A 193 -15.08 14.69 3.98
C ARG A 193 -13.75 15.39 3.71
N SER A 194 -12.65 14.63 3.74
CA SER A 194 -11.32 15.18 3.42
C SER A 194 -10.59 14.18 2.57
N ASN A 195 -10.12 14.60 1.39
CA ASN A 195 -9.48 13.68 0.47
C ASN A 195 -8.39 14.41 -0.27
N LEU A 196 -7.46 13.63 -0.83
CA LEU A 196 -6.44 14.20 -1.71
C LEU A 196 -6.65 13.67 -3.13
N VAL A 197 -6.22 14.47 -4.12
CA VAL A 197 -6.13 14.05 -5.51
C VAL A 197 -4.64 13.96 -5.83
N ALA A 198 -4.17 12.75 -6.15
CA ALA A 198 -2.78 12.56 -6.55
C ALA A 198 -2.73 12.73 -8.06
N ALA A 199 -2.18 13.87 -8.51
CA ALA A 199 -2.11 14.21 -9.91
C ALA A 199 -0.81 13.72 -10.55
N GLY A 200 -0.87 13.45 -11.85
CA GLY A 200 0.34 13.27 -12.64
C GLY A 200 1.01 14.63 -12.78
N PRO A 201 2.22 14.66 -13.34
CA PRO A 201 2.97 15.92 -13.41
C PRO A 201 2.35 16.92 -14.41
N ILE A 202 2.28 18.19 -13.98
CA ILE A 202 1.66 19.26 -14.74
C ILE A 202 2.64 20.43 -14.78
N ARG A 203 2.78 21.05 -15.96
CA ARG A 203 3.70 22.17 -16.08
C ARG A 203 3.11 23.39 -15.38
N THR A 204 3.64 23.73 -14.20
CA THR A 204 3.18 24.89 -13.45
C THR A 204 4.39 25.69 -12.98
N LEU A 205 4.10 26.86 -12.38
CA LEU A 205 5.18 27.76 -11.95
C LEU A 205 6.10 27.13 -10.93
N ALA A 206 5.54 26.36 -9.98
CA ALA A 206 6.34 25.84 -8.88
C ALA A 206 7.50 24.97 -9.37
N MET A 207 7.27 24.14 -10.37
CA MET A 207 8.32 23.24 -10.87
C MET A 207 9.03 23.74 -12.12
N SER A 208 8.73 24.96 -12.59
CA SER A 208 9.24 25.39 -13.91
C SER A 208 10.76 25.50 -13.92
N ALA A 209 11.37 25.95 -12.83
CA ALA A 209 12.82 26.10 -12.84
C ALA A 209 13.49 24.75 -12.88
N ILE A 210 12.92 23.75 -12.24
CA ILE A 210 13.50 22.41 -12.30
C ILE A 210 13.36 21.82 -13.70
N VAL A 211 12.19 22.05 -14.32
CA VAL A 211 11.95 21.55 -15.68
C VAL A 211 12.90 22.22 -16.65
N GLY A 212 13.15 23.51 -16.46
CA GLY A 212 14.05 24.25 -17.33
C GLY A 212 15.54 24.02 -17.13
N GLY A 213 15.96 23.15 -16.20
CA GLY A 213 17.36 22.93 -15.95
C GLY A 213 18.03 23.88 -14.98
N ALA A 214 17.27 24.79 -14.37
CA ALA A 214 17.84 25.80 -13.49
C ALA A 214 18.23 25.26 -12.12
N LEU A 215 17.77 24.07 -11.75
CA LEU A 215 18.23 23.41 -10.53
C LEU A 215 19.10 22.21 -10.87
N GLY A 216 19.89 22.35 -11.94
CA GLY A 216 20.86 21.42 -12.49
C GLY A 216 20.39 20.76 -13.78
N ASP A 217 21.35 20.49 -14.67
CA ASP A 217 21.06 19.91 -15.97
C ASP A 217 20.61 18.47 -15.82
N GLU A 218 21.16 17.76 -14.83
CA GLU A 218 20.74 16.38 -14.59
C GLU A 218 19.30 16.34 -14.10
N ALA A 219 18.92 17.25 -13.21
CA ALA A 219 17.54 17.27 -12.73
C ALA A 219 16.58 17.55 -13.86
N GLY A 220 16.93 18.49 -14.74
CA GLY A 220 16.09 18.73 -15.90
C GLY A 220 15.93 17.48 -16.74
N GLN A 221 17.04 16.77 -16.97
CA GLN A 221 16.98 15.55 -17.75
C GLN A 221 16.12 14.49 -17.07
N GLN A 222 16.29 14.33 -15.75
CA GLN A 222 15.48 13.34 -15.07
CA GLN A 222 15.49 13.37 -15.02
C GLN A 222 14.00 13.70 -15.08
N MET A 223 13.65 14.99 -15.04
CA MET A 223 12.24 15.37 -15.09
C MET A 223 11.64 14.99 -16.44
N GLN A 224 12.40 15.17 -17.51
CA GLN A 224 11.93 14.72 -18.82
C GLN A 224 11.72 13.22 -18.85
N LEU A 225 12.67 12.45 -18.31
CA LEU A 225 12.51 11.00 -18.26
C LEU A 225 11.29 10.61 -17.42
N LEU A 226 11.07 11.33 -16.31
CA LEU A 226 9.89 11.07 -15.48
C LEU A 226 8.61 11.29 -16.27
N GLU A 227 8.50 12.44 -16.97
CA GLU A 227 7.32 12.72 -17.77
C GLU A 227 7.13 11.72 -18.91
N GLU A 228 8.20 11.40 -19.63
CA GLU A 228 8.07 10.45 -20.73
C GLU A 228 7.56 9.10 -20.21
N GLY A 229 8.14 8.62 -19.13
CA GLY A 229 7.74 7.33 -18.59
C GLY A 229 6.33 7.35 -18.05
N TRP A 230 5.89 8.50 -17.54
CA TRP A 230 4.54 8.63 -17.01
C TRP A 230 3.50 8.44 -18.10
N ASP A 231 3.67 9.15 -19.22
CA ASP A 231 2.80 8.93 -20.37
C ASP A 231 2.92 7.50 -20.91
N GLN A 232 4.12 6.93 -20.90
CA GLN A 232 4.29 5.54 -21.34
C GLN A 232 3.54 4.55 -20.45
N ARG A 233 3.66 4.69 -19.13
CA ARG A 233 2.98 3.76 -18.20
C ARG A 233 1.47 3.92 -18.25
N ALA A 234 0.99 5.16 -18.35
CA ALA A 234 -0.43 5.46 -18.26
C ALA A 234 -1.19 4.76 -19.38
N PRO A 235 -2.13 3.87 -19.07
CA PRO A 235 -2.86 3.16 -20.14
C PRO A 235 -3.66 4.10 -21.04
N ILE A 236 -4.05 5.27 -20.54
CA ILE A 236 -4.79 6.24 -21.34
C ILE A 236 -3.93 7.48 -21.63
N GLY A 237 -2.62 7.37 -21.43
CA GLY A 237 -1.70 8.45 -21.71
C GLY A 237 -1.69 9.52 -20.62
N TRP A 238 -0.75 10.45 -20.73
CA TRP A 238 -0.69 11.55 -19.76
C TRP A 238 -0.16 12.78 -20.49
N ASP A 239 -0.88 13.89 -20.35
CA ASP A 239 -0.49 15.15 -21.01
C ASP A 239 -0.09 16.15 -19.94
N MET A 240 1.22 16.40 -19.79
CA MET A 240 1.68 17.27 -18.73
C MET A 240 1.29 18.74 -18.93
N LYS A 241 0.81 19.13 -20.11
CA LYS A 241 0.36 20.51 -20.31
C LYS A 241 -1.13 20.70 -20.12
N ASP A 242 -1.87 19.65 -19.71
CA ASP A 242 -3.31 19.71 -19.64
C ASP A 242 -3.81 19.48 -18.21
N PRO A 243 -4.08 20.53 -17.45
CA PRO A 243 -4.60 20.32 -16.08
C PRO A 243 -6.07 19.97 -16.00
N THR A 244 -6.82 20.00 -17.11
CA THR A 244 -8.26 19.79 -17.06
C THR A 244 -8.69 18.48 -16.43
N PRO A 245 -8.10 17.33 -16.75
CA PRO A 245 -8.54 16.09 -16.09
C PRO A 245 -8.37 16.13 -14.58
N VAL A 246 -7.34 16.82 -14.08
CA VAL A 246 -7.12 16.97 -12.66
C VAL A 246 -8.20 17.85 -12.04
N ALA A 247 -8.49 18.98 -12.69
CA ALA A 247 -9.51 19.88 -12.19
C ALA A 247 -10.87 19.19 -12.11
N LYS A 248 -11.19 18.38 -13.12
CA LYS A 248 -12.46 17.66 -13.11
CA LYS A 248 -12.46 17.66 -13.11
C LYS A 248 -12.53 16.68 -11.93
N THR A 249 -11.44 15.96 -11.68
CA THR A 249 -11.40 15.00 -10.56
C THR A 249 -11.59 15.70 -9.21
N VAL A 250 -10.96 16.87 -9.03
CA VAL A 250 -11.18 17.64 -7.81
C VAL A 250 -12.65 18.04 -7.70
N CYS A 251 -13.24 18.48 -8.81
CA CYS A 251 -14.66 18.83 -8.78
C CYS A 251 -15.52 17.62 -8.46
N ALA A 252 -15.12 16.45 -8.95
CA ALA A 252 -15.87 15.24 -8.59
C ALA A 252 -15.86 15.02 -7.08
N LEU A 253 -14.71 15.27 -6.42
CA LEU A 253 -14.66 15.06 -4.96
C LEU A 253 -15.39 16.16 -4.20
N LEU A 254 -15.49 17.36 -4.79
CA LEU A 254 -16.28 18.43 -4.19
C LEU A 254 -17.78 18.20 -4.34
N SER A 255 -18.19 17.37 -5.29
CA SER A 255 -19.59 17.12 -5.57
C SER A 255 -20.17 16.15 -4.55
N ASP A 256 -21.42 15.76 -4.75
CA ASP A 256 -22.04 14.78 -3.89
C ASP A 256 -21.91 13.35 -4.40
N TRP A 257 -21.04 13.11 -5.39
CA TRP A 257 -21.04 11.82 -6.07
C TRP A 257 -20.00 10.84 -5.55
N LEU A 258 -19.16 11.24 -4.60
CA LEU A 258 -18.31 10.31 -3.85
C LEU A 258 -18.59 10.47 -2.36
N PRO A 259 -19.84 10.24 -1.93
CA PRO A 259 -20.24 10.62 -0.57
C PRO A 259 -19.72 9.70 0.53
N ALA A 260 -19.13 8.56 0.17
CA ALA A 260 -18.61 7.63 1.17
C ALA A 260 -17.09 7.52 1.11
N THR A 261 -16.41 8.51 0.54
CA THR A 261 -14.98 8.51 0.39
C THR A 261 -14.40 9.61 1.30
N THR A 262 -13.56 9.21 2.26
CA THR A 262 -12.88 10.22 3.08
C THR A 262 -11.60 9.63 3.62
N GLY A 263 -10.70 10.52 4.01
CA GLY A 263 -9.35 10.13 4.41
C GLY A 263 -8.55 9.49 3.28
N ASP A 264 -8.95 9.69 2.04
CA ASP A 264 -8.50 8.84 0.94
C ASP A 264 -7.70 9.64 -0.10
N ILE A 265 -7.16 8.91 -1.08
CA ILE A 265 -6.35 9.47 -2.17
C ILE A 265 -6.92 8.97 -3.49
N ILE A 266 -7.33 9.89 -4.34
CA ILE A 266 -7.89 9.55 -5.66
C ILE A 266 -6.86 9.96 -6.68
N PHE A 267 -6.48 9.01 -7.56
CA PHE A 267 -5.41 9.27 -8.51
C PHE A 267 -5.97 9.84 -9.80
N ALA A 268 -5.43 10.96 -10.24
CA ALA A 268 -5.75 11.55 -11.54
C ALA A 268 -4.42 11.63 -12.29
N ASP A 269 -3.93 10.46 -12.70
CA ASP A 269 -2.56 10.36 -13.23
C ASP A 269 -2.47 9.51 -14.49
N GLY A 270 -3.58 9.30 -15.20
CA GLY A 270 -3.57 8.46 -16.38
C GLY A 270 -3.49 6.98 -16.09
N GLY A 271 -3.57 6.59 -14.81
CA GLY A 271 -3.34 5.21 -14.41
C GLY A 271 -1.89 4.82 -14.31
N ALA A 272 -0.97 5.80 -14.37
CA ALA A 272 0.46 5.49 -14.43
C ALA A 272 0.92 4.73 -13.19
N HIS A 273 0.39 5.05 -12.01
CA HIS A 273 0.95 4.46 -10.79
C HIS A 273 0.59 2.99 -10.63
N THR A 274 -0.33 2.46 -11.42
CA THR A 274 -0.76 1.06 -11.34
C THR A 274 0.02 0.15 -12.28
N GLN A 275 1.00 0.68 -13.01
CA GLN A 275 1.68 -0.07 -14.05
C GLN A 275 3.19 0.02 -13.84
N LEU A 276 3.86 -1.11 -14.02
CA LEU A 276 5.32 -1.19 -13.97
C LEU A 276 5.75 -1.49 -15.39
N LEU A 277 6.08 -0.44 -16.13
CA LEU A 277 6.55 -0.49 -17.53
C LEU A 277 5.33 -0.66 -18.45
N ALA B 10 30.86 -17.83 16.71
CA ALA B 10 29.54 -18.06 16.15
C ALA B 10 28.50 -17.04 16.64
N GLY B 11 28.44 -15.90 15.98
CA GLY B 11 27.44 -14.89 16.29
C GLY B 11 26.93 -14.25 15.02
N LEU B 12 25.67 -13.82 15.08
CA LEU B 12 25.05 -13.23 13.90
C LEU B 12 25.79 -11.98 13.45
N LEU B 13 26.35 -11.22 14.39
CA LEU B 13 27.03 -9.97 14.07
C LEU B 13 28.50 -10.02 14.46
N GLU B 14 29.11 -11.21 14.35
CA GLU B 14 30.49 -11.40 14.78
C GLU B 14 31.44 -10.46 14.04
N GLY B 15 32.22 -9.69 14.81
CA GLY B 15 33.22 -8.80 14.26
C GLY B 15 32.70 -7.47 13.72
N LYS B 16 31.40 -7.23 13.78
CA LYS B 16 30.83 -6.02 13.23
C LYS B 16 30.88 -4.88 14.23
N ARG B 17 31.22 -3.69 13.74
CA ARG B 17 31.23 -2.48 14.56
C ARG B 17 29.96 -1.71 14.27
N ILE B 18 29.16 -1.43 15.31
CA ILE B 18 27.81 -0.93 15.14
C ILE B 18 27.59 0.26 16.08
N LEU B 19 27.03 1.35 15.54
CA LEU B 19 26.61 2.49 16.34
C LEU B 19 25.14 2.34 16.71
N VAL B 20 24.82 2.48 18.00
CA VAL B 20 23.44 2.38 18.48
C VAL B 20 23.09 3.70 19.16
N THR B 21 22.15 4.43 18.58
CA THR B 21 21.58 5.62 19.18
C THR B 21 20.32 5.26 19.97
N GLY B 22 19.89 6.16 20.83
CA GLY B 22 18.55 6.07 21.38
C GLY B 22 18.38 5.38 22.71
N ILE B 23 19.45 5.04 23.41
CA ILE B 23 19.27 4.51 24.76
C ILE B 23 19.00 5.65 25.75
N ILE B 24 17.90 5.54 26.51
CA ILE B 24 17.68 6.48 27.59
C ILE B 24 17.42 5.71 28.89
N THR B 25 16.67 4.59 28.81
CA THR B 25 16.44 3.69 29.94
C THR B 25 16.66 2.24 29.51
N ASP B 26 16.58 1.30 30.47
CA ASP B 26 16.69 -0.09 30.04
C ASP B 26 15.41 -0.64 29.42
N SER B 27 14.35 0.17 29.35
CA SER B 27 13.18 -0.13 28.56
C SER B 27 13.29 0.34 27.12
N SER B 28 14.26 1.20 26.81
CA SER B 28 14.41 1.70 25.46
C SER B 28 14.58 0.55 24.49
N ILE B 29 13.92 0.62 23.34
CA ILE B 29 14.13 -0.40 22.32
C ILE B 29 15.62 -0.51 21.99
N ALA B 30 16.32 0.63 21.97
CA ALA B 30 17.75 0.64 21.67
C ALA B 30 18.56 -0.15 22.68
N PHE B 31 18.13 -0.15 23.94
CA PHE B 31 18.87 -0.94 24.92
C PHE B 31 18.85 -2.43 24.55
N HIS B 32 17.70 -2.92 24.12
CA HIS B 32 17.57 -4.34 23.77
C HIS B 32 18.25 -4.66 22.45
N ILE B 33 18.23 -3.72 21.51
CA ILE B 33 19.03 -3.87 20.29
C ILE B 33 20.50 -4.04 20.65
N ALA B 34 21.01 -3.16 21.52
CA ALA B 34 22.42 -3.24 21.90
C ALA B 34 22.72 -4.56 22.60
N LYS B 35 21.84 -5.00 23.49
CA LYS B 35 22.08 -6.23 24.23
C LYS B 35 22.20 -7.42 23.28
N VAL B 36 21.22 -7.59 22.39
CA VAL B 36 21.28 -8.72 21.48
C VAL B 36 22.48 -8.60 20.54
N ALA B 37 22.76 -7.39 20.05
CA ALA B 37 23.90 -7.22 19.14
C ALA B 37 25.21 -7.62 19.81
N GLN B 38 25.40 -7.25 21.08
CA GLN B 38 26.60 -7.68 21.80
C GLN B 38 26.60 -9.18 22.01
N GLU B 39 25.45 -9.76 22.37
CA GLU B 39 25.37 -11.22 22.51
C GLU B 39 25.75 -11.94 21.23
N GLN B 40 25.52 -11.29 20.07
CA GLN B 40 25.82 -11.84 18.76
C GLN B 40 27.17 -11.40 18.22
N GLY B 41 28.07 -10.91 19.08
CA GLY B 41 29.45 -10.67 18.72
C GLY B 41 29.80 -9.31 18.18
N ALA B 42 28.85 -8.37 18.13
CA ALA B 42 29.15 -7.03 17.63
C ALA B 42 29.87 -6.21 18.68
N GLU B 43 30.67 -5.24 18.22
CA GLU B 43 31.34 -4.25 19.06
C GLU B 43 30.64 -2.92 18.88
N LEU B 44 30.11 -2.36 19.95
CA LEU B 44 29.21 -1.23 19.85
C LEU B 44 29.88 0.08 20.19
N VAL B 45 29.38 1.15 19.58
CA VAL B 45 29.56 2.53 20.04
C VAL B 45 28.16 3.03 20.31
N LEU B 46 27.96 3.69 21.45
CA LEU B 46 26.64 4.15 21.83
C LEU B 46 26.59 5.68 21.85
N THR B 47 25.42 6.25 21.56
CA THR B 47 25.23 7.68 21.74
C THR B 47 24.07 7.95 22.69
N GLY B 48 24.13 9.10 23.33
CA GLY B 48 23.09 9.51 24.25
C GLY B 48 22.84 11.00 24.15
N PHE B 49 21.63 11.42 24.52
CA PHE B 49 21.20 12.80 24.40
C PHE B 49 21.12 13.43 25.79
N ASP B 50 21.81 14.55 25.98
CA ASP B 50 21.69 15.41 27.16
C ASP B 50 22.34 14.82 28.42
N ARG B 51 21.56 14.19 29.32
CA ARG B 51 22.06 13.84 30.66
C ARG B 51 22.88 12.54 30.60
N LEU B 52 24.11 12.66 30.08
CA LEU B 52 24.95 11.50 29.79
C LEU B 52 25.32 10.72 31.04
N ARG B 53 25.43 11.39 32.19
CA ARG B 53 25.81 10.68 33.40
C ARG B 53 24.79 9.61 33.75
N LEU B 54 23.50 9.93 33.63
CA LEU B 54 22.47 8.93 33.88
C LEU B 54 22.47 7.86 32.79
N ILE B 55 22.63 8.26 31.52
CA ILE B 55 22.59 7.27 30.46
C ILE B 55 23.73 6.27 30.62
N GLU B 56 24.91 6.75 31.02
CA GLU B 56 26.07 5.89 31.24
C GLU B 56 25.78 4.81 32.28
N ARG B 57 25.07 5.15 33.36
CA ARG B 57 24.72 4.12 34.33
C ARG B 57 23.82 3.06 33.72
N ILE B 58 22.92 3.47 32.81
CA ILE B 58 22.08 2.50 32.11
C ILE B 58 22.92 1.60 31.20
N THR B 59 23.89 2.17 30.48
CA THR B 59 24.66 1.37 29.52
C THR B 59 25.58 0.39 30.21
N GLN B 60 25.92 0.64 31.48
CA GLN B 60 26.67 -0.33 32.27
C GLN B 60 25.89 -1.61 32.52
N ARG B 61 24.56 -1.58 32.33
CA ARG B 61 23.74 -2.77 32.50
C ARG B 61 23.82 -3.69 31.28
N LEU B 62 24.41 -3.23 30.18
CA LEU B 62 24.60 -4.06 29.01
C LEU B 62 25.61 -5.16 29.26
N PRO B 63 25.55 -6.24 28.49
CA PRO B 63 26.47 -7.37 28.72
C PRO B 63 27.94 -6.98 28.66
N LYS B 64 28.35 -6.12 27.72
CA LYS B 64 29.74 -5.79 27.53
CA LYS B 64 29.74 -5.78 27.52
C LYS B 64 29.94 -4.28 27.57
N PRO B 65 31.15 -3.81 27.90
CA PRO B 65 31.41 -2.37 27.86
C PRO B 65 31.34 -1.80 26.46
N ALA B 66 30.98 -0.51 26.40
CA ALA B 66 30.89 0.19 25.12
C ALA B 66 31.06 1.68 25.37
N PRO B 67 31.81 2.39 24.54
CA PRO B 67 31.92 3.84 24.70
C PRO B 67 30.60 4.55 24.40
N LEU B 68 30.38 5.66 25.09
CA LEU B 68 29.19 6.47 24.95
C LEU B 68 29.61 7.84 24.45
N LEU B 69 29.02 8.30 23.34
CA LEU B 69 29.32 9.61 22.77
C LEU B 69 28.08 10.48 22.83
N GLU B 70 28.26 11.78 23.06
CA GLU B 70 27.13 12.70 23.11
C GLU B 70 26.62 13.00 21.70
N LEU B 71 25.30 12.95 21.53
CA LEU B 71 24.70 13.30 20.24
C LEU B 71 23.29 13.83 20.45
N ASP B 72 23.12 15.13 20.23
CA ASP B 72 21.83 15.77 20.08
C ASP B 72 21.61 15.92 18.57
N VAL B 73 20.61 15.21 18.01
CA VAL B 73 20.47 15.23 16.55
C VAL B 73 19.94 16.55 16.02
N GLN B 74 19.53 17.45 16.89
CA GLN B 74 19.24 18.82 16.47
C GLN B 74 20.48 19.71 16.44
N ASN B 75 21.63 19.21 16.87
CA ASN B 75 22.84 20.02 17.02
C ASN B 75 23.78 19.69 15.87
N GLU B 76 23.92 20.63 14.93
CA GLU B 76 24.70 20.35 13.73
C GLU B 76 26.20 20.22 14.04
N GLU B 77 26.68 20.84 15.13
CA GLU B 77 28.07 20.62 15.53
C GLU B 77 28.29 19.18 16.01
N HIS B 78 27.36 18.66 16.81
CA HIS B 78 27.44 17.26 17.22
C HIS B 78 27.47 16.34 16.02
N LEU B 79 26.60 16.60 15.04
CA LEU B 79 26.55 15.80 13.83
C LEU B 79 27.83 15.92 13.03
N GLY B 80 28.32 17.16 12.86
CA GLY B 80 29.52 17.40 12.08
C GLY B 80 30.79 16.84 12.69
N SER B 81 30.79 16.62 14.00
CA SER B 81 31.95 16.06 14.69
C SER B 81 31.80 14.56 14.96
N LEU B 82 30.63 13.97 14.67
CA LEU B 82 30.34 12.60 15.09
C LEU B 82 31.28 11.60 14.44
N ALA B 83 31.51 11.72 13.13
CA ALA B 83 32.37 10.77 12.45
C ALA B 83 33.76 10.72 13.06
N GLY B 84 34.35 11.89 13.32
CA GLY B 84 35.68 11.91 13.92
C GLY B 84 35.70 11.32 15.31
N ARG B 85 34.66 11.61 16.10
CA ARG B 85 34.59 11.06 17.45
C ARG B 85 34.40 9.55 17.43
N ILE B 86 33.66 9.03 16.44
CA ILE B 86 33.55 7.58 16.26
C ILE B 86 34.91 6.99 15.87
N SER B 87 35.60 7.63 14.93
CA SER B 87 36.90 7.10 14.49
C SER B 87 37.89 7.05 15.64
N GLU B 88 37.85 8.06 16.51
CA GLU B 88 38.73 8.09 17.67
C GLU B 88 38.50 6.90 18.60
N VAL B 89 37.26 6.44 18.73
CA VAL B 89 37.04 5.36 19.68
C VAL B 89 37.16 3.97 19.06
N ILE B 90 36.94 3.83 17.74
CA ILE B 90 37.03 2.52 17.11
C ILE B 90 38.40 2.24 16.46
N GLY B 91 39.26 3.23 16.34
CA GLY B 91 40.60 2.98 15.84
C GLY B 91 40.84 3.62 14.49
N GLU B 92 42.10 3.99 14.23
CA GLU B 92 42.42 4.87 13.10
C GLU B 92 41.92 4.30 11.77
N GLY B 93 42.25 3.04 11.49
CA GLY B 93 41.88 2.46 10.21
C GLY B 93 40.59 1.66 10.15
N ASN B 94 39.65 1.90 11.07
CA ASN B 94 38.44 1.09 11.17
C ASN B 94 37.19 1.90 10.83
N LYS B 95 36.17 1.19 10.36
CA LYS B 95 34.90 1.81 10.01
C LYS B 95 33.76 1.04 10.65
N LEU B 96 32.59 1.68 10.63
CA LEU B 96 31.37 1.05 11.08
C LEU B 96 30.79 0.12 10.02
N ASP B 97 30.16 -0.95 10.50
CA ASP B 97 29.38 -1.84 9.65
C ASP B 97 27.89 -1.59 9.76
N GLY B 98 27.43 -1.00 10.87
CA GLY B 98 26.01 -0.79 11.05
C GLY B 98 25.76 0.44 11.87
N VAL B 99 24.56 1.00 11.70
CA VAL B 99 24.09 2.17 12.44
C VAL B 99 22.61 1.98 12.77
N VAL B 100 22.24 2.20 14.03
CA VAL B 100 20.86 2.07 14.46
C VAL B 100 20.37 3.45 14.85
N HIS B 101 19.32 3.91 14.15
CA HIS B 101 18.58 5.11 14.54
C HIS B 101 17.40 4.65 15.39
N SER B 102 17.41 4.99 16.67
CA SER B 102 16.29 4.63 17.56
C SER B 102 15.89 5.86 18.35
N ILE B 103 15.59 6.92 17.61
CA ILE B 103 15.41 8.27 18.14
C ILE B 103 14.04 8.75 17.69
N GLY B 104 13.22 9.18 18.65
CA GLY B 104 11.92 9.74 18.30
C GLY B 104 11.42 10.60 19.43
N PHE B 105 10.72 11.67 19.06
CA PHE B 105 10.09 12.51 20.07
C PHE B 105 9.04 13.37 19.40
N MET B 106 7.91 13.55 20.08
CA MET B 106 6.91 14.50 19.60
C MET B 106 6.39 15.15 20.87
N PRO B 107 6.43 16.49 20.95
CA PRO B 107 5.90 17.16 22.16
C PRO B 107 4.46 16.76 22.43
N GLN B 108 4.06 16.84 23.70
CA GLN B 108 2.75 16.35 24.14
C GLN B 108 1.61 16.97 23.34
N SER B 109 1.71 18.25 23.00
CA SER B 109 0.64 18.91 22.27
C SER B 109 0.32 18.18 20.96
N GLY B 110 1.30 17.47 20.41
CA GLY B 110 1.16 16.73 19.18
C GLY B 110 0.76 15.29 19.33
N MET B 111 0.60 14.78 20.56
N MET B 111 0.49 14.84 20.57
CA MET B 111 0.28 13.37 20.78
CA MET B 111 -0.02 13.49 20.87
C MET B 111 -0.87 13.23 21.76
C MET B 111 -1.12 13.61 21.94
N GLY B 112 -1.88 14.10 21.64
N GLY B 112 -1.58 12.47 22.45
CA GLY B 112 -3.15 13.93 22.32
CA GLY B 112 -2.51 12.48 23.58
C GLY B 112 -3.43 14.95 23.42
C GLY B 112 -3.96 12.79 23.22
N VAL B 113 -2.39 15.50 24.06
N VAL B 113 -4.69 13.35 24.20
CA VAL B 113 -2.62 16.44 25.16
CA VAL B 113 -6.02 13.89 23.92
C VAL B 113 -3.40 17.65 24.65
C VAL B 113 -5.93 15.28 23.32
N ASN B 114 -3.24 17.97 23.38
N ASN B 114 -4.79 15.95 23.47
CA ASN B 114 -4.07 18.93 22.66
CA ASN B 114 -4.61 17.30 22.97
C ASN B 114 -4.81 18.19 21.54
C ASN B 114 -5.04 17.36 21.50
N PRO B 115 -5.95 18.72 21.08
N PRO B 115 -6.04 18.18 21.17
CA PRO B 115 -6.56 18.15 19.87
CA PRO B 115 -6.66 18.12 19.84
C PRO B 115 -5.60 18.28 18.70
C PRO B 115 -5.64 18.25 18.72
N PHE B 116 -5.79 17.41 17.69
CA PHE B 116 -4.88 17.39 16.56
C PHE B 116 -4.71 18.78 15.93
N PHE B 117 -5.80 19.51 15.78
CA PHE B 117 -5.77 20.83 15.16
C PHE B 117 -5.07 21.87 16.02
N ASP B 118 -4.89 21.60 17.32
CA ASP B 118 -4.37 22.61 18.24
C ASP B 118 -2.88 22.51 18.49
N ALA B 119 -2.20 21.54 17.91
CA ALA B 119 -0.75 21.42 18.12
C ALA B 119 -0.03 22.57 17.41
N PRO B 120 0.75 23.38 18.12
CA PRO B 120 1.41 24.51 17.46
C PRO B 120 2.51 24.03 16.52
N PHE B 121 2.74 24.79 15.44
CA PHE B 121 3.71 24.34 14.44
C PHE B 121 5.08 24.13 15.06
N ALA B 122 5.49 24.99 15.98
CA ALA B 122 6.83 24.89 16.57
C ALA B 122 7.02 23.54 17.26
N ASP B 123 5.97 23.04 17.92
CA ASP B 123 6.05 21.72 18.54
C ASP B 123 6.14 20.63 17.48
N VAL B 124 5.29 20.70 16.46
CA VAL B 124 5.27 19.68 15.41
C VAL B 124 6.57 19.67 14.63
N SER B 125 7.09 20.87 14.32
CA SER B 125 8.37 20.98 13.61
C SER B 125 9.49 20.32 14.40
N LYS B 126 9.53 20.55 15.72
CA LYS B 126 10.51 19.89 16.56
C LYS B 126 10.37 18.37 16.50
N GLY B 127 9.14 17.87 16.54
CA GLY B 127 8.94 16.42 16.45
C GLY B 127 9.36 15.85 15.11
N PHE B 128 9.08 16.59 14.03
CA PHE B 128 9.51 16.18 12.70
C PHE B 128 11.02 16.17 12.60
N HIS B 129 11.66 17.19 13.19
CA HIS B 129 13.11 17.28 13.19
C HIS B 129 13.73 16.05 13.84
N ILE B 130 13.31 15.75 15.06
CA ILE B 130 13.91 14.66 15.82
C ILE B 130 13.53 13.32 15.22
N SER B 131 12.27 13.17 14.80
CA SER B 131 11.78 11.83 14.48
C SER B 131 11.95 11.46 13.01
N ALA B 132 12.09 12.43 12.10
CA ALA B 132 12.15 12.08 10.68
C ALA B 132 13.38 12.66 10.00
N PHE B 133 13.53 13.99 10.10
CA PHE B 133 14.66 14.67 9.49
C PHE B 133 15.99 14.09 9.99
N SER B 134 16.08 13.74 11.28
CA SER B 134 17.34 13.29 11.83
C SER B 134 17.79 11.92 11.29
N TYR B 135 16.89 11.16 10.66
CA TYR B 135 17.35 9.93 10.02
C TYR B 135 18.28 10.27 8.86
N SER B 136 17.94 11.31 8.12
CA SER B 136 18.83 11.82 7.08
C SER B 136 20.10 12.42 7.69
N SER B 137 19.94 13.21 8.76
CA SER B 137 21.08 13.85 9.41
C SER B 137 22.08 12.82 9.92
N LEU B 138 21.57 11.75 10.56
CA LEU B 138 22.46 10.72 11.07
C LEU B 138 23.17 10.00 9.95
N ALA B 139 22.44 9.67 8.88
CA ALA B 139 23.07 8.98 7.75
C ALA B 139 24.19 9.83 7.15
N LYS B 140 23.91 11.12 6.93
CA LYS B 140 24.95 12.01 6.41
C LYS B 140 26.17 12.01 7.30
N ALA B 141 25.97 12.03 8.62
CA ALA B 141 27.08 12.13 9.56
C ALA B 141 27.91 10.85 9.63
N VAL B 142 27.29 9.68 9.45
CA VAL B 142 28.01 8.43 9.71
C VAL B 142 28.51 7.77 8.44
N LEU B 143 27.83 8.03 7.32
CA LEU B 143 28.23 7.38 6.07
C LEU B 143 29.72 7.52 5.75
N PRO B 144 30.40 8.64 6.04
CA PRO B 144 31.85 8.69 5.78
C PRO B 144 32.68 7.67 6.55
N VAL B 145 32.17 7.12 7.66
CA VAL B 145 32.89 6.12 8.44
C VAL B 145 32.15 4.80 8.42
N MET B 146 31.40 4.53 7.34
CA MET B 146 30.75 3.24 7.16
C MET B 146 31.43 2.46 6.04
N ASN B 147 31.61 1.15 6.29
CA ASN B 147 32.13 0.25 5.27
C ASN B 147 31.11 0.05 4.16
N ARG B 148 31.61 -0.22 2.95
CA ARG B 148 30.73 -0.75 1.91
C ARG B 148 30.12 -2.05 2.42
N GLY B 149 28.87 -2.30 2.04
CA GLY B 149 28.13 -3.43 2.58
C GLY B 149 27.47 -3.19 3.92
N GLY B 150 27.58 -1.98 4.46
CA GLY B 150 27.03 -1.65 5.76
C GLY B 150 25.53 -1.53 5.73
N SER B 151 24.98 -1.23 6.92
CA SER B 151 23.53 -1.27 7.07
C SER B 151 23.09 -0.19 8.04
N ILE B 152 22.11 0.62 7.65
CA ILE B 152 21.49 1.61 8.52
C ILE B 152 20.05 1.19 8.78
N VAL B 153 19.67 1.14 10.05
CA VAL B 153 18.33 0.71 10.45
C VAL B 153 17.74 1.76 11.38
N GLY B 154 16.49 2.14 11.10
CA GLY B 154 15.69 3.03 11.94
C GLY B 154 14.42 2.37 12.44
N MET B 155 13.81 2.95 13.47
CA MET B 155 12.60 2.43 14.08
C MET B 155 11.36 3.18 13.62
N ASP B 156 10.32 2.44 13.24
CA ASP B 156 9.11 2.99 12.64
C ASP B 156 7.93 2.44 13.42
N PHE B 157 6.82 3.17 13.40
CA PHE B 157 5.54 2.69 13.90
C PHE B 157 4.54 2.93 12.79
N ASP B 158 3.98 1.83 12.26
CA ASP B 158 3.20 1.85 11.02
C ASP B 158 2.22 3.00 10.98
N PRO B 159 2.41 3.96 10.05
CA PRO B 159 1.57 5.16 9.99
C PRO B 159 0.60 5.15 8.79
N THR B 160 0.40 3.97 8.19
CA THR B 160 -0.45 3.84 7.01
C THR B 160 -1.88 4.27 7.29
N ARG B 161 -2.35 4.08 8.52
CA ARG B 161 -3.72 4.45 8.92
C ARG B 161 -3.66 5.38 10.13
N ALA B 162 -4.62 6.30 10.21
CA ALA B 162 -4.67 7.18 11.37
C ALA B 162 -5.12 6.36 12.58
N MET B 163 -4.69 6.79 13.76
CA MET B 163 -5.07 6.11 14.99
CA MET B 163 -4.92 6.10 15.04
C MET B 163 -5.23 7.14 16.09
N PRO B 164 -5.92 6.80 17.17
CA PRO B 164 -6.11 7.77 18.25
C PRO B 164 -4.80 8.11 18.93
N ALA B 165 -4.72 9.37 19.40
CA ALA B 165 -3.65 9.92 20.25
C ALA B 165 -2.29 10.01 19.53
N TYR B 166 -1.93 9.04 18.70
CA TYR B 166 -0.60 9.11 18.09
C TYR B 166 -0.44 10.36 17.24
N ASN B 167 -1.52 10.84 16.64
CA ASN B 167 -1.60 12.15 15.98
C ASN B 167 -0.36 12.53 15.19
N TRP B 168 0.32 13.62 15.59
CA TRP B 168 1.41 14.14 14.75
C TRP B 168 2.65 13.24 14.77
N MET B 169 2.81 12.36 15.76
CA MET B 169 3.90 11.39 15.68
C MET B 169 3.69 10.43 14.51
N THR B 170 2.44 10.07 14.23
CA THR B 170 2.13 9.29 13.05
C THR B 170 2.50 10.04 11.78
N VAL B 171 2.21 11.34 11.73
CA VAL B 171 2.63 12.14 10.58
C VAL B 171 4.15 12.12 10.45
N ALA B 172 4.85 12.26 11.57
CA ALA B 172 6.31 12.20 11.56
C ALA B 172 6.84 10.85 11.04
N LYS B 173 6.19 9.74 11.43
CA LYS B 173 6.62 8.42 10.94
C LYS B 173 6.34 8.27 9.45
N SER B 174 5.21 8.78 8.97
CA SER B 174 5.00 8.80 7.51
C SER B 174 6.14 9.55 6.81
N ALA B 175 6.56 10.68 7.37
CA ALA B 175 7.68 11.42 6.82
C ALA B 175 8.97 10.60 6.89
N LEU B 176 9.21 9.93 8.02
CA LEU B 176 10.39 9.08 8.18
C LEU B 176 10.46 7.98 7.13
N GLU B 177 9.32 7.35 6.83
CA GLU B 177 9.30 6.34 5.78
C GLU B 177 9.73 6.91 4.45
N SER B 178 9.30 8.12 4.14
CA SER B 178 9.75 8.74 2.90
C SER B 178 11.25 9.07 2.95
N VAL B 179 11.72 9.59 4.09
CA VAL B 179 13.15 9.92 4.23
C VAL B 179 14.02 8.68 4.02
N ASN B 180 13.61 7.56 4.60
CA ASN B 180 14.35 6.31 4.46
C ASN B 180 14.53 5.93 3.00
N ARG B 181 13.49 6.13 2.19
CA ARG B 181 13.63 5.77 0.77
C ARG B 181 14.67 6.64 0.08
N PHE B 182 14.79 7.92 0.49
CA PHE B 182 15.81 8.80 -0.11
C PHE B 182 17.19 8.54 0.47
N VAL B 183 17.27 8.24 1.77
CA VAL B 183 18.55 7.81 2.33
C VAL B 183 19.06 6.56 1.62
N ALA B 184 18.15 5.63 1.30
CA ALA B 184 18.60 4.43 0.57
C ALA B 184 19.25 4.79 -0.76
N ARG B 185 18.73 5.82 -1.44
CA ARG B 185 19.38 6.24 -2.70
C ARG B 185 20.81 6.70 -2.46
N GLU B 186 21.00 7.58 -1.48
CA GLU B 186 22.33 8.10 -1.19
C GLU B 186 23.24 7.01 -0.65
N ALA B 187 22.74 6.21 0.30
CA ALA B 187 23.58 5.18 0.90
C ALA B 187 23.97 4.11 -0.12
N GLY B 188 23.05 3.81 -1.04
CA GLY B 188 23.33 2.81 -2.05
C GLY B 188 24.50 3.16 -2.94
N LYS B 189 24.79 4.46 -3.11
CA LYS B 189 25.94 4.88 -3.91
C LYS B 189 27.25 4.36 -3.34
N VAL B 190 27.31 4.12 -2.04
CA VAL B 190 28.49 3.60 -1.37
C VAL B 190 28.24 2.20 -0.80
N GLY B 191 27.26 1.49 -1.35
CA GLY B 191 27.07 0.10 -1.00
C GLY B 191 26.46 -0.15 0.36
N VAL B 192 25.71 0.81 0.89
CA VAL B 192 25.10 0.69 2.21
C VAL B 192 23.59 0.63 2.05
N ARG B 193 22.97 -0.29 2.80
CA ARG B 193 21.53 -0.45 2.80
C ARG B 193 20.92 0.43 3.90
N SER B 194 19.66 0.82 3.71
CA SER B 194 18.93 1.63 4.67
C SER B 194 17.50 1.10 4.78
N ASN B 195 17.06 0.76 6.00
CA ASN B 195 15.76 0.14 6.16
C ASN B 195 15.16 0.56 7.50
N LEU B 196 13.84 0.42 7.60
CA LEU B 196 13.14 0.63 8.87
C LEU B 196 12.54 -0.67 9.38
N VAL B 197 12.46 -0.77 10.70
CA VAL B 197 11.70 -1.83 11.36
C VAL B 197 10.45 -1.19 11.96
N ALA B 198 9.28 -1.63 11.47
CA ALA B 198 7.99 -1.18 12.00
C ALA B 198 7.63 -2.13 13.13
N ALA B 199 7.79 -1.66 14.36
CA ALA B 199 7.53 -2.49 15.53
C ALA B 199 6.09 -2.36 15.96
N GLY B 200 5.57 -3.41 16.61
CA GLY B 200 4.33 -3.28 17.33
C GLY B 200 4.59 -2.45 18.56
N PRO B 201 3.54 -2.11 19.29
CA PRO B 201 3.72 -1.23 20.46
C PRO B 201 4.47 -1.91 21.60
N ILE B 202 5.33 -1.12 22.24
CA ILE B 202 6.17 -1.55 23.36
C ILE B 202 5.84 -0.58 24.48
N ARG B 203 5.63 -1.13 25.69
CA ARG B 203 5.06 -0.32 26.74
C ARG B 203 5.98 0.84 27.11
N THR B 204 5.37 2.03 27.24
CA THR B 204 6.07 3.24 27.67
C THR B 204 5.26 3.96 28.74
N LEU B 205 5.96 4.87 29.44
CA LEU B 205 5.31 5.69 30.46
C LEU B 205 4.29 6.65 29.87
N ALA B 206 4.63 7.25 28.71
CA ALA B 206 3.76 8.23 28.07
C ALA B 206 2.41 7.63 27.68
N MET B 207 2.45 6.45 27.06
CA MET B 207 1.21 5.83 26.59
C MET B 207 0.47 5.16 27.73
N SER B 208 1.22 4.56 28.66
CA SER B 208 0.61 4.06 29.88
C SER B 208 -0.14 5.16 30.60
N ALA B 209 0.34 6.40 30.55
CA ALA B 209 -0.39 7.47 31.23
C ALA B 209 -1.74 7.68 30.57
N ILE B 210 -1.81 7.56 29.23
CA ILE B 210 -3.09 7.72 28.57
C ILE B 210 -4.02 6.57 28.94
N VAL B 211 -3.46 5.36 29.04
CA VAL B 211 -4.28 4.21 29.43
C VAL B 211 -4.69 4.35 30.89
N GLY B 212 -3.88 5.02 31.70
CA GLY B 212 -4.28 5.29 33.05
C GLY B 212 -5.32 6.36 33.23
N GLY B 213 -5.74 7.03 32.17
CA GLY B 213 -6.69 8.11 32.28
C GLY B 213 -6.08 9.49 32.17
N ALA B 214 -4.89 9.62 31.57
CA ALA B 214 -4.27 10.94 31.44
C ALA B 214 -5.04 11.82 30.47
N LEU B 215 -5.61 11.22 29.42
CA LEU B 215 -6.40 11.95 28.44
C LEU B 215 -7.91 11.73 28.65
N GLY B 216 -8.31 11.42 29.87
CA GLY B 216 -9.70 11.14 30.20
C GLY B 216 -10.00 9.67 30.06
N ASP B 217 -11.24 9.30 30.41
CA ASP B 217 -11.60 7.89 30.39
C ASP B 217 -11.91 7.39 28.98
N GLU B 218 -12.46 8.22 28.10
CA GLU B 218 -12.73 7.76 26.74
C GLU B 218 -11.43 7.53 26.00
N ALA B 219 -10.49 8.48 26.10
CA ALA B 219 -9.19 8.31 25.45
C ALA B 219 -8.43 7.14 26.06
N GLY B 220 -8.51 6.99 27.39
CA GLY B 220 -7.84 5.87 28.02
C GLY B 220 -8.31 4.54 27.45
N GLN B 221 -9.62 4.36 27.33
CA GLN B 221 -10.13 3.10 26.80
C GLN B 221 -9.67 2.89 25.37
N GLN B 222 -9.57 3.96 24.57
CA GLN B 222 -9.18 3.83 23.18
C GLN B 222 -7.73 3.39 23.04
N MET B 223 -6.84 3.97 23.84
CA MET B 223 -5.44 3.58 23.79
C MET B 223 -5.26 2.13 24.22
N GLN B 224 -5.93 1.72 25.31
CA GLN B 224 -5.83 0.34 25.73
C GLN B 224 -6.39 -0.61 24.67
N LEU B 225 -7.54 -0.26 24.07
CA LEU B 225 -8.13 -1.09 23.03
C LEU B 225 -7.22 -1.20 21.83
N LEU B 226 -6.60 -0.08 21.45
CA LEU B 226 -5.64 -0.09 20.36
C LEU B 226 -4.50 -1.06 20.65
N GLU B 227 -3.91 -0.97 21.85
CA GLU B 227 -2.79 -1.82 22.23
C GLU B 227 -3.19 -3.29 22.26
N GLU B 228 -4.31 -3.61 22.94
CA GLU B 228 -4.82 -4.97 23.03
C GLU B 228 -5.09 -5.55 21.64
N GLY B 229 -5.52 -4.70 20.71
CA GLY B 229 -5.88 -5.17 19.39
C GLY B 229 -4.72 -5.77 18.64
N TRP B 230 -3.48 -5.36 18.98
CA TRP B 230 -2.29 -5.92 18.32
C TRP B 230 -2.15 -7.40 18.62
N ASP B 231 -2.20 -7.78 19.90
CA ASP B 231 -2.11 -9.18 20.23
C ASP B 231 -3.28 -9.97 19.62
N GLN B 232 -4.47 -9.37 19.59
CA GLN B 232 -5.64 -10.03 18.99
C GLN B 232 -5.44 -10.29 17.50
N ARG B 233 -4.98 -9.26 16.77
CA ARG B 233 -4.81 -9.33 15.31
C ARG B 233 -3.61 -10.20 14.92
N ALA B 234 -2.54 -10.14 15.70
CA ALA B 234 -1.30 -10.86 15.41
C ALA B 234 -1.55 -12.37 15.38
N PRO B 235 -1.32 -13.03 14.25
CA PRO B 235 -1.51 -14.49 14.20
C PRO B 235 -0.60 -15.25 15.14
N ILE B 236 0.54 -14.68 15.51
CA ILE B 236 1.43 -15.33 16.48
C ILE B 236 1.46 -14.57 17.80
N GLY B 237 0.51 -13.66 18.01
CA GLY B 237 0.45 -12.89 19.23
C GLY B 237 1.46 -11.77 19.25
N TRP B 238 1.30 -10.89 20.22
CA TRP B 238 2.18 -9.74 20.39
C TRP B 238 2.29 -9.46 21.89
N ASP B 239 3.53 -9.33 22.37
CA ASP B 239 3.83 -9.10 23.78
C ASP B 239 4.41 -7.72 23.93
N MET B 240 3.61 -6.79 24.46
CA MET B 240 3.98 -5.39 24.59
C MET B 240 5.08 -5.15 25.61
N LYS B 241 5.37 -6.13 26.46
CA LYS B 241 6.38 -6.05 27.48
C LYS B 241 7.71 -6.64 27.06
N ASP B 242 7.79 -7.19 25.85
CA ASP B 242 8.98 -7.91 25.42
C ASP B 242 9.52 -7.30 24.12
N PRO B 243 10.52 -6.42 24.19
CA PRO B 243 11.09 -5.86 22.96
C PRO B 243 12.07 -6.80 22.26
N THR B 244 12.38 -7.96 22.84
CA THR B 244 13.38 -8.85 22.22
C THR B 244 13.08 -9.22 20.78
N PRO B 245 11.85 -9.58 20.38
CA PRO B 245 11.63 -9.88 18.95
C PRO B 245 11.95 -8.70 18.04
N VAL B 246 11.67 -7.46 18.49
CA VAL B 246 12.03 -6.28 17.71
C VAL B 246 13.54 -6.14 17.63
N ALA B 247 14.22 -6.34 18.75
CA ALA B 247 15.69 -6.26 18.78
C ALA B 247 16.30 -7.28 17.83
N LYS B 248 15.77 -8.51 17.80
CA LYS B 248 16.32 -9.52 16.90
CA LYS B 248 16.31 -9.53 16.90
C LYS B 248 16.13 -9.12 15.45
N THR B 249 14.97 -8.56 15.11
CA THR B 249 14.71 -8.16 13.74
C THR B 249 15.67 -7.08 13.28
N VAL B 250 15.96 -6.11 14.16
CA VAL B 250 16.96 -5.08 13.82
C VAL B 250 18.32 -5.71 13.57
N CYS B 251 18.72 -6.65 14.43
CA CYS B 251 19.99 -7.32 14.21
C CYS B 251 19.99 -8.11 12.92
N ALA B 252 18.83 -8.68 12.55
CA ALA B 252 18.71 -9.34 11.25
C ALA B 252 19.01 -8.38 10.08
N LEU B 253 18.52 -7.15 10.15
CA LEU B 253 18.83 -6.18 9.10
C LEU B 253 20.27 -5.69 9.18
N LEU B 254 20.86 -5.69 10.39
CA LEU B 254 22.27 -5.34 10.52
C LEU B 254 23.18 -6.47 10.02
N SER B 255 22.68 -7.69 9.93
CA SER B 255 23.50 -8.82 9.50
C SER B 255 23.66 -8.78 7.99
N ASP B 256 24.34 -9.78 7.45
CA ASP B 256 24.52 -9.92 6.02
C ASP B 256 23.44 -10.78 5.37
N TRP B 257 22.36 -11.08 6.08
CA TRP B 257 21.38 -12.07 5.66
C TRP B 257 20.17 -11.48 4.94
N LEU B 258 20.05 -10.17 4.84
CA LEU B 258 19.07 -9.52 3.96
C LEU B 258 19.79 -8.59 3.00
N PRO B 259 20.70 -9.13 2.17
CA PRO B 259 21.64 -8.26 1.44
C PRO B 259 21.06 -7.52 0.24
N ALA B 260 19.85 -7.85 -0.19
CA ALA B 260 19.19 -7.19 -1.31
C ALA B 260 17.95 -6.41 -0.89
N THR B 261 17.89 -6.02 0.38
CA THR B 261 16.76 -5.28 0.92
C THR B 261 17.23 -3.88 1.28
N THR B 262 16.62 -2.86 0.68
CA THR B 262 16.98 -1.50 1.05
C THR B 262 15.84 -0.54 0.69
N GLY B 263 15.82 0.61 1.36
CA GLY B 263 14.70 1.53 1.21
C GLY B 263 13.39 0.99 1.74
N ASP B 264 13.45 -0.05 2.56
CA ASP B 264 12.29 -0.88 2.83
C ASP B 264 11.86 -0.77 4.29
N ILE B 265 10.75 -1.45 4.58
CA ILE B 265 10.15 -1.50 5.92
C ILE B 265 9.90 -2.96 6.24
N ILE B 266 10.47 -3.46 7.32
CA ILE B 266 10.26 -4.84 7.76
C ILE B 266 9.43 -4.77 9.04
N PHE B 267 8.31 -5.51 9.08
CA PHE B 267 7.38 -5.43 10.21
C PHE B 267 7.74 -6.46 11.27
N ALA B 268 7.89 -6.01 12.51
CA ALA B 268 8.09 -6.86 13.68
C ALA B 268 6.95 -6.57 14.62
N ASP B 269 5.75 -7.05 14.25
CA ASP B 269 4.52 -6.68 14.92
C ASP B 269 3.60 -7.88 15.16
N GLY B 270 4.15 -9.09 15.13
CA GLY B 270 3.37 -10.32 15.28
C GLY B 270 2.53 -10.64 14.07
N GLY B 271 2.69 -9.90 12.99
CA GLY B 271 1.82 -10.01 11.82
C GLY B 271 0.55 -9.21 11.93
N ALA B 272 0.43 -8.34 12.93
CA ALA B 272 -0.84 -7.67 13.16
C ALA B 272 -1.28 -6.84 11.96
N HIS B 273 -0.34 -6.19 11.28
CA HIS B 273 -0.76 -5.26 10.24
C HIS B 273 -1.31 -5.96 8.99
N THR B 274 -1.18 -7.27 8.90
CA THR B 274 -1.70 -8.05 7.78
C THR B 274 -3.10 -8.57 8.02
N GLN B 275 -3.69 -8.27 9.17
CA GLN B 275 -4.96 -8.84 9.57
C GLN B 275 -5.91 -7.73 9.96
N LEU B 276 -7.20 -7.89 9.60
CA LEU B 276 -8.19 -6.85 9.87
C LEU B 276 -9.06 -7.16 11.08
N LEU B 277 -8.92 -8.34 11.68
CA LEU B 277 -9.65 -8.72 12.87
C LEU B 277 -9.11 -10.08 13.30
N GLY C 11 -28.68 15.45 -15.94
CA GLY C 11 -28.26 14.24 -15.27
C GLY C 11 -26.77 13.93 -15.41
N LEU C 12 -26.23 13.26 -14.40
CA LEU C 12 -24.80 12.95 -14.38
C LEU C 12 -24.41 12.06 -15.55
N LEU C 13 -25.29 11.16 -15.98
CA LEU C 13 -25.01 10.22 -17.04
C LEU C 13 -25.95 10.42 -18.23
N GLU C 14 -26.36 11.67 -18.46
CA GLU C 14 -27.34 11.97 -19.50
C GLU C 14 -26.83 11.49 -20.86
N GLY C 15 -27.65 10.68 -21.54
CA GLY C 15 -27.35 10.20 -22.87
C GLY C 15 -26.40 9.02 -22.95
N LYS C 16 -25.92 8.51 -21.82
CA LYS C 16 -24.97 7.41 -21.84
C LYS C 16 -25.70 6.07 -21.86
N ARG C 17 -25.20 5.14 -22.67
CA ARG C 17 -25.71 3.78 -22.72
C ARG C 17 -24.80 2.89 -21.88
N ILE C 18 -25.36 2.19 -20.90
CA ILE C 18 -24.57 1.50 -19.87
C ILE C 18 -25.12 0.10 -19.67
N LEU C 19 -24.21 -0.89 -19.66
CA LEU C 19 -24.56 -2.28 -19.35
C LEU C 19 -24.34 -2.52 -17.86
N VAL C 20 -25.35 -3.08 -17.19
CA VAL C 20 -25.28 -3.36 -15.76
C VAL C 20 -25.51 -4.85 -15.57
N THR C 21 -24.49 -5.56 -15.13
CA THR C 21 -24.64 -6.96 -14.73
C THR C 21 -24.96 -7.03 -13.23
N GLY C 22 -25.39 -8.23 -12.80
CA GLY C 22 -25.35 -8.55 -11.39
C GLY C 22 -26.60 -8.32 -10.57
N ILE C 23 -27.74 -7.99 -11.18
CA ILE C 23 -29.00 -7.91 -10.43
C ILE C 23 -29.53 -9.31 -10.18
N ILE C 24 -29.81 -9.63 -8.91
CA ILE C 24 -30.52 -10.87 -8.58
C ILE C 24 -31.70 -10.58 -7.66
N THR C 25 -31.55 -9.63 -6.71
CA THR C 25 -32.67 -9.18 -5.87
C THR C 25 -32.67 -7.66 -5.88
N ASP C 26 -33.71 -7.03 -5.31
CA ASP C 26 -33.65 -5.58 -5.30
C ASP C 26 -32.78 -5.04 -4.17
N SER C 27 -32.11 -5.92 -3.44
CA SER C 27 -31.03 -5.52 -2.53
C SER C 27 -29.67 -5.52 -3.20
N SER C 28 -29.54 -6.18 -4.36
CA SER C 28 -28.29 -6.24 -5.10
C SER C 28 -27.71 -4.84 -5.29
N ILE C 29 -26.39 -4.74 -5.12
CA ILE C 29 -25.72 -3.47 -5.40
C ILE C 29 -26.00 -3.01 -6.81
N ALA C 30 -26.05 -3.96 -7.79
CA ALA C 30 -26.32 -3.58 -9.18
C ALA C 30 -27.71 -2.99 -9.35
N PHE C 31 -28.68 -3.46 -8.56
CA PHE C 31 -30.00 -2.86 -8.66
C PHE C 31 -29.95 -1.37 -8.32
N HIS C 32 -29.20 -1.02 -7.29
CA HIS C 32 -29.11 0.37 -6.91
C HIS C 32 -28.21 1.17 -7.85
N ILE C 33 -27.15 0.55 -8.39
CA ILE C 33 -26.38 1.18 -9.47
C ILE C 33 -27.30 1.51 -10.63
N ALA C 34 -28.10 0.53 -11.07
CA ALA C 34 -29.00 0.75 -12.20
C ALA C 34 -30.02 1.84 -11.89
N LYS C 35 -30.56 1.82 -10.68
CA LYS C 35 -31.56 2.82 -10.29
C LYS C 35 -30.99 4.24 -10.35
N VAL C 36 -29.84 4.46 -9.71
CA VAL C 36 -29.24 5.80 -9.72
C VAL C 36 -28.86 6.20 -11.14
N ALA C 37 -28.31 5.25 -11.92
CA ALA C 37 -27.93 5.54 -13.29
C ALA C 37 -29.11 6.00 -14.13
N GLN C 38 -30.27 5.35 -13.97
CA GLN C 38 -31.46 5.79 -14.70
C GLN C 38 -31.94 7.16 -14.22
N GLU C 39 -31.92 7.39 -12.90
CA GLU C 39 -32.28 8.71 -12.38
C GLU C 39 -31.38 9.80 -12.95
N GLN C 40 -30.14 9.45 -13.30
CA GLN C 40 -29.18 10.39 -13.84
C GLN C 40 -29.18 10.40 -15.37
N GLY C 41 -30.22 9.86 -15.99
CA GLY C 41 -30.41 10.00 -17.42
C GLY C 41 -29.80 8.91 -18.29
N ALA C 42 -29.20 7.86 -17.71
CA ALA C 42 -28.59 6.83 -18.54
C ALA C 42 -29.65 5.89 -19.12
N GLU C 43 -29.31 5.28 -20.26
CA GLU C 43 -30.11 4.24 -20.91
C GLU C 43 -29.43 2.89 -20.72
N LEU C 44 -30.10 1.96 -20.05
CA LEU C 44 -29.45 0.74 -19.57
C LEU C 44 -29.77 -0.47 -20.42
N VAL C 45 -28.82 -1.39 -20.44
CA VAL C 45 -29.03 -2.79 -20.81
C VAL C 45 -28.67 -3.59 -19.58
N LEU C 46 -29.49 -4.57 -19.24
CA LEU C 46 -29.25 -5.36 -18.05
C LEU C 46 -28.90 -6.79 -18.44
N THR C 47 -28.11 -7.45 -17.61
CA THR C 47 -27.89 -8.88 -17.76
C THR C 47 -28.28 -9.59 -16.48
N GLY C 48 -28.68 -10.84 -16.63
CA GLY C 48 -29.07 -11.66 -15.51
C GLY C 48 -28.57 -13.07 -15.70
N PHE C 49 -28.33 -13.75 -14.59
CA PHE C 49 -27.78 -15.10 -14.57
C PHE C 49 -28.81 -16.08 -14.02
N ASP C 50 -29.12 -17.11 -14.81
CA ASP C 50 -29.88 -18.28 -14.37
C ASP C 50 -31.37 -18.03 -14.17
N ARG C 51 -31.73 -17.12 -13.27
CA ARG C 51 -33.13 -16.93 -12.87
C ARG C 51 -33.74 -15.76 -13.63
N LEU C 52 -33.88 -15.94 -14.95
CA LEU C 52 -34.21 -14.83 -15.82
C LEU C 52 -35.64 -14.33 -15.60
N ARG C 53 -36.58 -15.24 -15.35
CA ARG C 53 -37.95 -14.82 -15.11
C ARG C 53 -38.05 -14.01 -13.81
N LEU C 54 -37.37 -14.46 -12.77
CA LEU C 54 -37.38 -13.71 -11.51
C LEU C 54 -36.69 -12.37 -11.68
N ILE C 55 -35.56 -12.35 -12.39
CA ILE C 55 -34.82 -11.10 -12.56
C ILE C 55 -35.63 -10.10 -13.37
N GLU C 56 -36.33 -10.58 -14.41
CA GLU C 56 -37.19 -9.71 -15.21
C GLU C 56 -38.21 -8.99 -14.32
N ARG C 57 -38.86 -9.73 -13.41
CA ARG C 57 -39.82 -9.11 -12.51
C ARG C 57 -39.13 -8.11 -11.58
N ILE C 58 -37.95 -8.46 -11.08
CA ILE C 58 -37.23 -7.56 -10.18
C ILE C 58 -36.90 -6.26 -10.88
N THR C 59 -36.42 -6.34 -12.12
CA THR C 59 -36.00 -5.16 -12.86
C THR C 59 -37.18 -4.26 -13.22
N GLN C 60 -38.41 -4.78 -13.18
CA GLN C 60 -39.59 -3.94 -13.35
C GLN C 60 -39.74 -2.93 -12.22
N ARG C 61 -39.08 -3.16 -11.09
CA ARG C 61 -39.10 -2.21 -9.98
C ARG C 61 -38.15 -1.04 -10.20
N LEU C 62 -37.30 -1.10 -11.22
CA LEU C 62 -36.43 0.01 -11.56
C LEU C 62 -37.25 1.18 -12.10
N PRO C 63 -36.72 2.41 -12.01
CA PRO C 63 -37.50 3.57 -12.45
C PRO C 63 -37.97 3.48 -13.90
N LYS C 64 -37.12 3.00 -14.81
CA LYS C 64 -37.40 3.04 -16.23
C LYS C 64 -37.22 1.66 -16.85
N PRO C 65 -37.86 1.40 -17.99
CA PRO C 65 -37.68 0.10 -18.64
C PRO C 65 -36.28 -0.07 -19.22
N ALA C 66 -35.84 -1.34 -19.25
CA ALA C 66 -34.53 -1.67 -19.77
C ALA C 66 -34.52 -3.12 -20.23
N PRO C 67 -33.95 -3.42 -21.41
CA PRO C 67 -33.89 -4.81 -21.87
C PRO C 67 -32.96 -5.66 -21.02
N LEU C 68 -33.32 -6.93 -20.89
CA LEU C 68 -32.57 -7.87 -20.07
C LEU C 68 -31.99 -8.97 -20.95
N LEU C 69 -30.70 -9.21 -20.84
CA LEU C 69 -30.02 -10.24 -21.62
C LEU C 69 -29.48 -11.29 -20.67
N GLU C 70 -29.51 -12.56 -21.08
CA GLU C 70 -28.96 -13.63 -20.26
C GLU C 70 -27.43 -13.63 -20.35
N LEU C 71 -26.76 -13.73 -19.20
CA LEU C 71 -25.29 -13.84 -19.22
C LEU C 71 -24.82 -14.67 -18.03
N ASP C 72 -24.28 -15.85 -18.32
CA ASP C 72 -23.52 -16.67 -17.38
C ASP C 72 -22.05 -16.47 -17.72
N VAL C 73 -21.28 -15.85 -16.82
CA VAL C 73 -19.89 -15.53 -17.17
C VAL C 73 -18.99 -16.75 -17.24
N GLN C 74 -19.48 -17.93 -16.83
CA GLN C 74 -18.76 -19.17 -17.07
C GLN C 74 -19.07 -19.77 -18.44
N ASN C 75 -19.99 -19.19 -19.19
CA ASN C 75 -20.47 -19.75 -20.44
C ASN C 75 -19.85 -18.96 -21.60
N GLU C 76 -18.90 -19.59 -22.30
CA GLU C 76 -18.17 -18.89 -23.34
C GLU C 76 -19.06 -18.59 -24.55
N GLU C 77 -20.14 -19.36 -24.74
CA GLU C 77 -21.09 -19.01 -25.80
C GLU C 77 -21.86 -17.73 -25.45
N HIS C 78 -22.29 -17.58 -24.21
CA HIS C 78 -22.94 -16.36 -23.77
C HIS C 78 -22.03 -15.15 -23.99
N LEU C 79 -20.76 -15.28 -23.59
CA LEU C 79 -19.80 -14.20 -23.73
C LEU C 79 -19.54 -13.88 -25.21
N GLY C 80 -19.38 -14.91 -26.04
CA GLY C 80 -19.07 -14.69 -27.44
C GLY C 80 -20.19 -14.06 -28.24
N SER C 81 -21.44 -14.21 -27.79
CA SER C 81 -22.60 -13.64 -28.47
C SER C 81 -23.04 -12.33 -27.84
N LEU C 82 -22.43 -11.94 -26.72
CA LEU C 82 -22.93 -10.84 -25.92
C LEU C 82 -22.90 -9.51 -26.67
N ALA C 83 -21.79 -9.22 -27.35
CA ALA C 83 -21.66 -7.95 -28.06
C ALA C 83 -22.73 -7.81 -29.14
N GLY C 84 -22.95 -8.87 -29.93
CA GLY C 84 -23.99 -8.83 -30.95
C GLY C 84 -25.37 -8.70 -30.35
N ARG C 85 -25.61 -9.39 -29.24
CA ARG C 85 -26.89 -9.26 -28.56
C ARG C 85 -27.08 -7.87 -27.98
N ILE C 86 -26.00 -7.22 -27.51
CA ILE C 86 -26.09 -5.84 -27.06
C ILE C 86 -26.43 -4.92 -28.23
N SER C 87 -25.74 -5.08 -29.37
CA SER C 87 -26.00 -4.23 -30.54
C SER C 87 -27.45 -4.37 -31.01
N GLU C 88 -28.02 -5.56 -30.91
CA GLU C 88 -29.41 -5.75 -31.31
C GLU C 88 -30.36 -4.87 -30.49
N VAL C 89 -30.07 -4.66 -29.20
CA VAL C 89 -31.01 -3.91 -28.38
C VAL C 89 -30.75 -2.41 -28.34
N ILE C 90 -29.52 -1.95 -28.58
CA ILE C 90 -29.22 -0.53 -28.51
C ILE C 90 -29.24 0.19 -29.86
N GLY C 91 -29.31 -0.54 -30.96
CA GLY C 91 -29.42 0.13 -32.24
C GLY C 91 -28.18 -0.07 -33.10
N GLU C 92 -28.39 -0.06 -34.42
CA GLU C 92 -27.37 -0.49 -35.37
C GLU C 92 -26.07 0.30 -35.22
N GLY C 93 -26.16 1.63 -35.23
CA GLY C 93 -24.95 2.42 -35.16
C GLY C 93 -24.54 2.88 -33.78
N ASN C 94 -24.97 2.21 -32.72
CA ASN C 94 -24.77 2.68 -31.36
C ASN C 94 -23.81 1.79 -30.58
N LYS C 95 -23.13 2.40 -29.60
CA LYS C 95 -22.18 1.69 -28.75
C LYS C 95 -22.46 2.01 -27.29
N LEU C 96 -21.88 1.19 -26.42
CA LEU C 96 -21.94 1.42 -24.98
C LEU C 96 -20.93 2.46 -24.55
N ASP C 97 -21.31 3.23 -23.52
CA ASP C 97 -20.41 4.16 -22.85
C ASP C 97 -19.89 3.63 -21.53
N GLY C 98 -20.59 2.69 -20.91
CA GLY C 98 -20.19 2.18 -19.61
C GLY C 98 -20.59 0.74 -19.45
N VAL C 99 -19.86 0.03 -18.60
CA VAL C 99 -20.14 -1.37 -18.29
C VAL C 99 -19.88 -1.56 -16.81
N VAL C 100 -20.81 -2.22 -16.12
CA VAL C 100 -20.71 -2.47 -14.69
C VAL C 100 -20.61 -3.97 -14.47
N HIS C 101 -19.51 -4.40 -13.87
CA HIS C 101 -19.35 -5.76 -13.39
C HIS C 101 -19.73 -5.78 -11.91
N SER C 102 -20.82 -6.48 -11.57
CA SER C 102 -21.25 -6.58 -10.18
C SER C 102 -21.62 -8.05 -9.88
N ILE C 103 -20.62 -8.90 -10.08
CA ILE C 103 -20.74 -10.35 -10.14
C ILE C 103 -19.72 -10.94 -9.19
N GLY C 104 -20.17 -11.77 -8.26
CA GLY C 104 -19.27 -12.44 -7.34
C GLY C 104 -19.95 -13.68 -6.79
N PHE C 105 -19.15 -14.71 -6.53
CA PHE C 105 -19.65 -15.94 -5.94
C PHE C 105 -18.48 -16.74 -5.39
N MET C 106 -18.69 -17.40 -4.25
CA MET C 106 -17.70 -18.33 -3.75
C MET C 106 -18.48 -19.46 -3.11
N PRO C 107 -18.25 -20.72 -3.49
CA PRO C 107 -18.97 -21.81 -2.82
C PRO C 107 -18.78 -21.79 -1.30
N GLN C 108 -19.75 -22.41 -0.64
CA GLN C 108 -19.86 -22.35 0.82
C GLN C 108 -18.58 -22.80 1.50
N SER C 109 -17.94 -23.85 0.95
CA SER C 109 -16.71 -24.40 1.53
C SER C 109 -15.61 -23.35 1.62
N GLY C 110 -15.68 -22.32 0.79
CA GLY C 110 -14.68 -21.28 0.73
C GLY C 110 -14.95 -20.10 1.63
N MET C 111 -15.99 -20.15 2.49
CA MET C 111 -16.36 -18.97 3.25
C MET C 111 -16.94 -19.38 4.60
N GLY C 112 -17.25 -18.36 5.43
CA GLY C 112 -17.91 -18.60 6.70
C GLY C 112 -17.01 -19.27 7.73
N VAL C 113 -17.62 -20.13 8.55
CA VAL C 113 -16.84 -20.85 9.57
C VAL C 113 -16.15 -22.08 9.01
N ASN C 114 -16.37 -22.40 7.73
CA ASN C 114 -15.73 -23.56 7.15
C ASN C 114 -14.21 -23.37 7.11
N PRO C 115 -13.45 -24.40 7.46
CA PRO C 115 -11.99 -24.25 7.54
C PRO C 115 -11.38 -23.88 6.19
N PHE C 116 -10.51 -22.87 6.23
CA PHE C 116 -9.84 -22.38 5.02
C PHE C 116 -9.14 -23.50 4.26
N PHE C 117 -8.45 -24.39 4.99
CA PHE C 117 -7.70 -25.49 4.37
C PHE C 117 -8.61 -26.56 3.76
N ASP C 118 -9.89 -26.58 4.10
CA ASP C 118 -10.76 -27.66 3.66
C ASP C 118 -11.56 -27.34 2.40
N ALA C 119 -11.44 -26.13 1.87
CA ALA C 119 -12.14 -25.80 0.65
C ALA C 119 -11.50 -26.56 -0.51
N PRO C 120 -12.24 -27.42 -1.22
CA PRO C 120 -11.62 -28.16 -2.32
C PRO C 120 -11.31 -27.24 -3.48
N PHE C 121 -10.29 -27.61 -4.25
CA PHE C 121 -9.86 -26.72 -5.33
C PHE C 121 -10.99 -26.46 -6.31
N ALA C 122 -11.81 -27.47 -6.61
CA ALA C 122 -12.89 -27.27 -7.59
C ALA C 122 -13.81 -26.12 -7.17
N ASP C 123 -14.08 -26.00 -5.86
CA ASP C 123 -14.91 -24.90 -5.37
C ASP C 123 -14.20 -23.57 -5.50
N VAL C 124 -12.95 -23.50 -5.06
CA VAL C 124 -12.22 -22.24 -5.10
C VAL C 124 -12.02 -21.79 -6.54
N SER C 125 -11.72 -22.74 -7.44
CA SER C 125 -11.57 -22.40 -8.86
C SER C 125 -12.87 -21.79 -9.43
N LYS C 126 -14.01 -22.37 -9.09
CA LYS C 126 -15.28 -21.81 -9.53
C LYS C 126 -15.45 -20.39 -9.01
N GLY C 127 -15.12 -20.17 -7.74
CA GLY C 127 -15.22 -18.82 -7.18
C GLY C 127 -14.26 -17.84 -7.85
N PHE C 128 -13.04 -18.29 -8.13
CA PHE C 128 -12.09 -17.44 -8.83
C PHE C 128 -12.57 -17.13 -10.25
N HIS C 129 -13.17 -18.12 -10.92
CA HIS C 129 -13.69 -17.91 -12.27
C HIS C 129 -14.74 -16.80 -12.26
N ILE C 130 -15.76 -16.95 -11.42
CA ILE C 130 -16.87 -16.00 -11.43
C ILE C 130 -16.44 -14.64 -10.87
N SER C 131 -15.61 -14.63 -9.83
CA SER C 131 -15.37 -13.38 -9.12
C SER C 131 -14.20 -12.58 -9.65
N ALA C 132 -13.24 -13.23 -10.32
CA ALA C 132 -12.03 -12.50 -10.74
C ALA C 132 -11.77 -12.66 -12.23
N PHE C 133 -11.67 -13.90 -12.70
CA PHE C 133 -11.43 -14.12 -14.13
C PHE C 133 -12.49 -13.44 -14.99
N SER C 134 -13.75 -13.45 -14.54
CA SER C 134 -14.84 -12.96 -15.37
C SER C 134 -14.77 -11.46 -15.58
N TYR C 135 -14.01 -10.73 -14.78
CA TYR C 135 -13.85 -9.30 -15.07
C TYR C 135 -13.09 -9.12 -16.39
N SER C 136 -12.08 -9.94 -16.62
CA SER C 136 -11.42 -9.93 -17.93
C SER C 136 -12.37 -10.44 -19.01
N SER C 137 -13.13 -11.52 -18.71
CA SER C 137 -14.04 -12.10 -19.71
C SER C 137 -15.07 -11.08 -20.19
N LEU C 138 -15.67 -10.35 -19.24
CA LEU C 138 -16.69 -9.37 -19.60
C LEU C 138 -16.09 -8.22 -20.41
N ALA C 139 -14.93 -7.73 -20.01
CA ALA C 139 -14.28 -6.64 -20.76
C ALA C 139 -13.94 -7.09 -22.18
N LYS C 140 -13.36 -8.28 -22.34
CA LYS C 140 -13.07 -8.79 -23.67
C LYS C 140 -14.33 -8.80 -24.55
N ALA C 141 -15.46 -9.18 -23.96
CA ALA C 141 -16.71 -9.33 -24.71
C ALA C 141 -17.33 -7.98 -25.05
N VAL C 142 -17.15 -6.96 -24.22
CA VAL C 142 -17.91 -5.73 -24.44
C VAL C 142 -17.09 -4.64 -25.11
N LEU C 143 -15.78 -4.65 -24.93
CA LEU C 143 -14.94 -3.58 -25.48
C LEU C 143 -15.15 -3.35 -26.98
N PRO C 144 -15.38 -4.36 -27.82
CA PRO C 144 -15.63 -4.07 -29.24
C PRO C 144 -16.88 -3.22 -29.48
N VAL C 145 -17.82 -3.18 -28.53
CA VAL C 145 -19.01 -2.36 -28.73
C VAL C 145 -19.03 -1.22 -27.70
N MET C 146 -17.85 -0.77 -27.29
CA MET C 146 -17.71 0.37 -26.40
C MET C 146 -17.14 1.56 -27.14
N ASN C 147 -17.69 2.74 -26.87
CA ASN C 147 -17.17 4.00 -27.39
C ASN C 147 -15.83 4.34 -26.76
N ARG C 148 -14.99 5.07 -27.51
CA ARG C 148 -13.84 5.71 -26.89
C ARG C 148 -14.32 6.65 -25.79
N GLY C 149 -13.54 6.76 -24.72
CA GLY C 149 -13.95 7.54 -23.56
C GLY C 149 -14.85 6.78 -22.61
N GLY C 150 -15.09 5.49 -22.87
CA GLY C 150 -15.96 4.69 -22.04
C GLY C 150 -15.33 4.28 -20.73
N SER C 151 -16.13 3.58 -19.91
CA SER C 151 -15.74 3.28 -18.55
C SER C 151 -16.30 1.92 -18.14
N ILE C 152 -15.42 1.06 -17.63
CA ILE C 152 -15.81 -0.24 -17.07
C ILE C 152 -15.51 -0.18 -15.59
N VAL C 153 -16.49 -0.56 -14.76
CA VAL C 153 -16.34 -0.50 -13.31
C VAL C 153 -16.71 -1.86 -12.75
N GLY C 154 -15.89 -2.36 -11.82
CA GLY C 154 -16.22 -3.60 -11.12
C GLY C 154 -16.33 -3.37 -9.63
N MET C 155 -16.94 -4.30 -8.89
CA MET C 155 -17.15 -4.17 -7.44
C MET C 155 -16.10 -4.98 -6.67
N ASP C 156 -15.51 -4.37 -5.67
CA ASP C 156 -14.39 -4.94 -4.91
C ASP C 156 -14.69 -4.85 -3.41
N PHE C 157 -14.07 -5.74 -2.62
CA PHE C 157 -14.09 -5.60 -1.16
C PHE C 157 -12.63 -5.70 -0.72
N ASP C 158 -12.09 -4.63 -0.07
CA ASP C 158 -10.67 -4.47 0.22
C ASP C 158 -10.05 -5.77 0.77
N PRO C 159 -9.13 -6.41 0.00
CA PRO C 159 -8.54 -7.67 0.43
C PRO C 159 -7.09 -7.55 0.86
N THR C 160 -6.66 -6.32 1.13
CA THR C 160 -5.27 -6.05 1.52
C THR C 160 -4.87 -6.80 2.77
N ARG C 161 -5.82 -7.02 3.68
CA ARG C 161 -5.56 -7.72 4.93
C ARG C 161 -6.52 -8.90 5.02
N ALA C 162 -6.07 -9.98 5.65
CA ALA C 162 -6.98 -11.10 5.83
C ALA C 162 -7.98 -10.79 6.94
N MET C 163 -9.06 -11.56 6.98
CA MET C 163 -10.13 -11.27 7.91
C MET C 163 -10.98 -12.52 8.08
N PRO C 164 -11.72 -12.63 9.17
CA PRO C 164 -12.54 -13.84 9.39
C PRO C 164 -13.63 -13.95 8.35
N ALA C 165 -14.03 -15.19 8.08
CA ALA C 165 -15.21 -15.52 7.27
C ALA C 165 -15.07 -15.21 5.77
N TYR C 166 -14.46 -14.09 5.35
CA TYR C 166 -14.38 -13.83 3.92
CA TYR C 166 -14.38 -13.82 3.92
C TYR C 166 -13.49 -14.84 3.22
N ASN C 167 -12.51 -15.40 3.93
CA ASN C 167 -11.70 -16.52 3.49
C ASN C 167 -11.33 -16.45 2.01
N TRP C 168 -11.75 -17.44 1.22
CA TRP C 168 -11.27 -17.52 -0.17
C TRP C 168 -11.90 -16.44 -1.05
N MET C 169 -13.01 -15.85 -0.64
CA MET C 169 -13.50 -14.71 -1.41
C MET C 169 -12.52 -13.54 -1.34
N THR C 170 -11.81 -13.40 -0.22
CA THR C 170 -10.75 -12.38 -0.12
C THR C 170 -9.66 -12.62 -1.15
N VAL C 171 -9.25 -13.89 -1.30
CA VAL C 171 -8.25 -14.27 -2.30
C VAL C 171 -8.74 -13.95 -3.71
N ALA C 172 -10.00 -14.25 -3.98
CA ALA C 172 -10.60 -13.90 -5.27
C ALA C 172 -10.57 -12.38 -5.52
N LYS C 173 -10.81 -11.56 -4.49
CA LYS C 173 -10.78 -10.11 -4.67
C LYS C 173 -9.36 -9.61 -4.91
N SER C 174 -8.38 -10.18 -4.20
CA SER C 174 -6.99 -9.85 -4.49
C SER C 174 -6.65 -10.14 -5.95
N ALA C 175 -7.11 -11.29 -6.47
CA ALA C 175 -6.90 -11.58 -7.89
C ALA C 175 -7.65 -10.58 -8.77
N LEU C 176 -8.88 -10.22 -8.38
CA LEU C 176 -9.66 -9.27 -9.17
C LEU C 176 -8.96 -7.93 -9.30
N GLU C 177 -8.35 -7.44 -8.21
CA GLU C 177 -7.61 -6.19 -8.29
C GLU C 177 -6.48 -6.28 -9.29
N SER C 178 -5.78 -7.41 -9.32
CA SER C 178 -4.72 -7.59 -10.29
C SER C 178 -5.28 -7.64 -11.70
N VAL C 179 -6.40 -8.36 -11.88
CA VAL C 179 -7.04 -8.44 -13.19
C VAL C 179 -7.43 -7.05 -13.68
N ASN C 180 -7.97 -6.22 -12.78
CA ASN C 180 -8.37 -4.86 -13.16
C ASN C 180 -7.20 -4.06 -13.75
N ARG C 181 -6.01 -4.19 -13.17
CA ARG C 181 -4.86 -3.46 -13.70
C ARG C 181 -4.50 -3.93 -15.11
N PHE C 182 -4.70 -5.22 -15.41
CA PHE C 182 -4.38 -5.68 -16.76
C PHE C 182 -5.48 -5.33 -17.75
N VAL C 183 -6.75 -5.37 -17.33
CA VAL C 183 -7.84 -4.92 -18.19
C VAL C 183 -7.69 -3.45 -18.54
N ALA C 184 -7.21 -2.65 -17.60
CA ALA C 184 -6.98 -1.25 -17.90
C ALA C 184 -5.95 -1.06 -19.02
N ARG C 185 -4.93 -1.94 -19.10
CA ARG C 185 -3.96 -1.87 -20.20
C ARG C 185 -4.66 -2.12 -21.53
N GLU C 186 -5.47 -3.17 -21.59
CA GLU C 186 -6.19 -3.50 -22.81
C GLU C 186 -7.23 -2.43 -23.14
N ALA C 187 -8.02 -2.01 -22.14
CA ALA C 187 -9.07 -1.02 -22.40
C ALA C 187 -8.48 0.33 -22.81
N GLY C 188 -7.32 0.69 -22.27
CA GLY C 188 -6.70 1.96 -22.64
C GLY C 188 -6.29 2.03 -24.11
N LYS C 189 -6.00 0.89 -24.73
CA LYS C 189 -5.66 0.89 -26.16
C LYS C 189 -6.79 1.46 -27.01
N VAL C 190 -8.03 1.34 -26.54
CA VAL C 190 -9.19 1.86 -27.25
C VAL C 190 -9.85 2.99 -26.47
N GLY C 191 -9.10 3.65 -25.58
CA GLY C 191 -9.59 4.84 -24.92
C GLY C 191 -10.62 4.59 -23.84
N VAL C 192 -10.64 3.40 -23.24
CA VAL C 192 -11.62 3.04 -22.23
C VAL C 192 -10.92 2.87 -20.88
N ARG C 193 -11.58 3.37 -19.82
CA ARG C 193 -11.08 3.24 -18.45
C ARG C 193 -11.64 1.99 -17.77
N SER C 194 -10.88 1.47 -16.80
CA SER C 194 -11.26 0.30 -16.03
C SER C 194 -10.87 0.55 -14.57
N ASN C 195 -11.83 0.42 -13.66
CA ASN C 195 -11.61 0.72 -12.25
C ASN C 195 -12.51 -0.17 -11.39
N LEU C 196 -12.11 -0.34 -10.13
CA LEU C 196 -12.93 -1.01 -9.12
C LEU C 196 -13.39 -0.01 -8.07
N VAL C 197 -14.55 -0.28 -7.50
CA VAL C 197 -15.05 0.44 -6.33
C VAL C 197 -15.00 -0.52 -5.17
N ALA C 198 -14.18 -0.20 -4.16
CA ALA C 198 -14.08 -1.02 -2.96
C ALA C 198 -15.13 -0.50 -1.98
N ALA C 199 -16.22 -1.25 -1.82
CA ALA C 199 -17.34 -0.86 -0.99
C ALA C 199 -17.17 -1.40 0.42
N GLY C 200 -17.76 -0.69 1.39
CA GLY C 200 -17.96 -1.25 2.71
C GLY C 200 -19.06 -2.29 2.62
N PRO C 201 -19.30 -2.99 3.72
CA PRO C 201 -20.28 -4.10 3.68
C PRO C 201 -21.71 -3.62 3.54
N ILE C 202 -22.48 -4.34 2.70
CA ILE C 202 -23.86 -3.99 2.38
C ILE C 202 -24.71 -5.23 2.55
N ARG C 203 -25.91 -5.09 3.16
CA ARG C 203 -26.78 -6.24 3.34
C ARG C 203 -27.36 -6.65 1.98
N THR C 204 -26.78 -7.70 1.39
CA THR C 204 -27.19 -8.30 0.12
C THR C 204 -27.12 -9.82 0.28
N LEU C 205 -27.49 -10.55 -0.78
CA LEU C 205 -27.34 -12.01 -0.74
C LEU C 205 -25.88 -12.40 -0.52
N ALA C 206 -24.95 -11.62 -1.10
CA ALA C 206 -23.52 -11.88 -0.93
C ALA C 206 -23.14 -11.84 0.54
N MET C 207 -23.70 -10.89 1.27
CA MET C 207 -23.36 -10.76 2.68
C MET C 207 -23.90 -11.93 3.48
N SER C 208 -24.96 -12.57 2.99
CA SER C 208 -25.48 -13.74 3.68
CA SER C 208 -25.48 -13.74 3.68
C SER C 208 -24.52 -14.93 3.57
N ALA C 209 -23.79 -15.02 2.46
CA ALA C 209 -22.78 -16.07 2.30
C ALA C 209 -21.68 -15.98 3.36
N ILE C 210 -21.41 -14.76 3.83
CA ILE C 210 -20.35 -14.54 4.79
C ILE C 210 -20.67 -15.17 6.16
N VAL C 211 -21.94 -15.11 6.58
CA VAL C 211 -22.36 -15.74 7.83
C VAL C 211 -22.74 -17.21 7.63
N GLY C 212 -22.16 -17.85 6.61
CA GLY C 212 -22.46 -19.25 6.36
C GLY C 212 -21.81 -20.16 7.39
N GLY C 213 -22.59 -21.08 7.95
CA GLY C 213 -22.15 -21.93 9.03
C GLY C 213 -22.57 -21.44 10.41
N ALA C 214 -22.71 -20.13 10.59
CA ALA C 214 -23.21 -19.60 11.84
C ALA C 214 -24.61 -20.13 12.10
N LEU C 215 -24.81 -20.69 13.29
CA LEU C 215 -26.08 -21.24 13.71
C LEU C 215 -26.75 -20.34 14.74
N GLY C 216 -28.08 -20.20 14.64
CA GLY C 216 -28.83 -19.48 15.65
C GLY C 216 -28.72 -17.98 15.47
N ASP C 217 -28.66 -17.27 16.59
CA ASP C 217 -28.50 -15.83 16.59
C ASP C 217 -27.07 -15.41 16.26
N GLU C 218 -26.17 -16.39 16.02
CA GLU C 218 -24.78 -16.07 15.74
C GLU C 218 -24.64 -15.25 14.47
N ALA C 219 -25.38 -15.62 13.42
CA ALA C 219 -25.25 -14.88 12.16
C ALA C 219 -25.68 -13.42 12.34
N GLY C 220 -26.82 -13.20 13.01
CA GLY C 220 -27.27 -11.84 13.26
C GLY C 220 -26.29 -11.02 14.07
N GLN C 221 -25.76 -11.61 15.16
CA GLN C 221 -24.82 -10.87 15.99
C GLN C 221 -23.47 -10.68 15.31
N GLN C 222 -23.07 -11.61 14.44
CA GLN C 222 -21.86 -11.39 13.65
C GLN C 222 -22.02 -10.19 12.73
N MET C 223 -23.19 -10.07 12.10
CA MET C 223 -23.47 -8.90 11.27
C MET C 223 -23.52 -7.64 12.14
N GLN C 224 -24.11 -7.72 13.33
CA GLN C 224 -24.10 -6.56 14.22
C GLN C 224 -22.66 -6.11 14.52
N LEU C 225 -21.78 -7.05 14.88
CA LEU C 225 -20.40 -6.68 15.19
C LEU C 225 -19.72 -6.08 13.98
N LEU C 226 -19.95 -6.66 12.81
CA LEU C 226 -19.39 -6.14 11.57
C LEU C 226 -19.83 -4.69 11.32
N GLU C 227 -21.15 -4.45 11.40
CA GLU C 227 -21.65 -3.10 11.17
C GLU C 227 -21.10 -2.13 12.22
N GLU C 228 -21.17 -2.52 13.51
CA GLU C 228 -20.67 -1.62 14.56
C GLU C 228 -19.21 -1.24 14.32
N GLY C 229 -18.35 -2.21 14.04
CA GLY C 229 -16.94 -1.89 13.88
C GLY C 229 -16.67 -1.06 12.65
N TRP C 230 -17.43 -1.30 11.58
CA TRP C 230 -17.24 -0.53 10.37
C TRP C 230 -17.66 0.92 10.57
N ASP C 231 -18.86 1.11 11.11
CA ASP C 231 -19.35 2.45 11.39
C ASP C 231 -18.43 3.19 12.37
N GLN C 232 -17.88 2.46 13.35
CA GLN C 232 -16.96 3.08 14.32
C GLN C 232 -15.71 3.60 13.61
N ARG C 233 -15.07 2.77 12.78
CA ARG C 233 -13.81 3.17 12.15
CA ARG C 233 -13.81 3.16 12.14
C ARG C 233 -14.03 4.25 11.09
N ALA C 234 -15.15 4.21 10.39
CA ALA C 234 -15.41 5.16 9.31
C ALA C 234 -15.60 6.57 9.86
N PRO C 235 -14.79 7.55 9.45
CA PRO C 235 -14.95 8.91 10.03
C PRO C 235 -16.30 9.55 9.74
N ILE C 236 -16.98 9.17 8.67
CA ILE C 236 -18.31 9.69 8.38
C ILE C 236 -19.38 8.62 8.59
N GLY C 237 -19.04 7.54 9.30
CA GLY C 237 -20.00 6.49 9.58
C GLY C 237 -20.22 5.55 8.41
N TRP C 238 -20.95 4.47 8.67
CA TRP C 238 -21.25 3.47 7.65
C TRP C 238 -22.59 2.83 7.98
N ASP C 239 -23.46 2.72 6.97
CA ASP C 239 -24.78 2.11 7.14
C ASP C 239 -24.88 0.94 6.18
N MET C 240 -24.84 -0.30 6.69
CA MET C 240 -24.91 -1.46 5.79
C MET C 240 -26.26 -1.62 5.11
N LYS C 241 -27.30 -0.91 5.56
CA LYS C 241 -28.60 -1.04 4.93
C LYS C 241 -28.80 -0.07 3.78
N ASP C 242 -27.82 0.77 3.50
CA ASP C 242 -27.94 1.85 2.52
C ASP C 242 -26.92 1.67 1.40
N PRO C 243 -27.30 1.07 0.26
CA PRO C 243 -26.35 0.93 -0.84
C PRO C 243 -26.21 2.20 -1.68
N THR C 244 -27.03 3.23 -1.44
CA THR C 244 -26.98 4.41 -2.31
C THR C 244 -25.59 5.05 -2.42
N PRO C 245 -24.81 5.23 -1.34
CA PRO C 245 -23.49 5.86 -1.53
C PRO C 245 -22.55 5.06 -2.44
N VAL C 246 -22.61 3.72 -2.37
CA VAL C 246 -21.82 2.88 -3.27
C VAL C 246 -22.32 3.05 -4.69
N ALA C 247 -23.64 3.06 -4.88
CA ALA C 247 -24.23 3.22 -6.21
C ALA C 247 -23.79 4.55 -6.82
N LYS C 248 -23.76 5.61 -6.02
CA LYS C 248 -23.36 6.91 -6.55
CA LYS C 248 -23.36 6.91 -6.54
C LYS C 248 -21.90 6.90 -6.97
N THR C 249 -21.04 6.25 -6.19
CA THR C 249 -19.62 6.20 -6.51
C THR C 249 -19.39 5.49 -7.83
N VAL C 250 -20.12 4.39 -8.07
CA VAL C 250 -20.00 3.72 -9.36
C VAL C 250 -20.41 4.65 -10.50
N CYS C 251 -21.53 5.36 -10.31
CA CYS C 251 -21.97 6.33 -11.32
C CYS C 251 -20.95 7.45 -11.51
N ALA C 252 -20.28 7.87 -10.45
CA ALA C 252 -19.21 8.86 -10.63
C ALA C 252 -18.10 8.31 -11.54
N LEU C 253 -17.74 7.04 -11.38
CA LEU C 253 -16.71 6.46 -12.23
C LEU C 253 -17.22 6.22 -13.65
N LEU C 254 -18.53 5.99 -13.80
CA LEU C 254 -19.08 5.84 -15.14
C LEU C 254 -19.20 7.18 -15.86
N SER C 255 -19.20 8.29 -15.14
CA SER C 255 -19.32 9.60 -15.73
C SER C 255 -18.00 10.04 -16.33
N ASP C 256 -17.97 11.28 -16.83
CA ASP C 256 -16.75 11.86 -17.39
C ASP C 256 -15.94 12.63 -16.35
N TRP C 257 -16.22 12.46 -15.07
CA TRP C 257 -15.65 13.36 -14.06
C TRP C 257 -14.40 12.83 -13.38
N LEU C 258 -14.01 11.59 -13.68
CA LEU C 258 -12.69 11.06 -13.29
C LEU C 258 -11.99 10.56 -14.55
N PRO C 259 -11.72 11.45 -15.51
CA PRO C 259 -11.29 11.01 -16.83
C PRO C 259 -9.85 10.56 -16.91
N ALA C 260 -9.06 10.76 -15.85
CA ALA C 260 -7.66 10.35 -15.82
C ALA C 260 -7.41 9.26 -14.77
N THR C 261 -8.45 8.52 -14.38
CA THR C 261 -8.36 7.44 -13.40
C THR C 261 -8.61 6.11 -14.10
N THR C 262 -7.62 5.22 -14.06
CA THR C 262 -7.81 3.89 -14.63
C THR C 262 -6.85 2.90 -13.98
N GLY C 263 -7.22 1.62 -14.05
CA GLY C 263 -6.49 0.59 -13.36
C GLY C 263 -6.54 0.72 -11.86
N ASP C 264 -7.50 1.48 -11.32
CA ASP C 264 -7.43 1.95 -9.94
C ASP C 264 -8.56 1.38 -9.09
N ILE C 265 -8.50 1.73 -7.80
CA ILE C 265 -9.48 1.28 -6.80
C ILE C 265 -9.93 2.52 -6.06
N ILE C 266 -11.22 2.79 -6.11
CA ILE C 266 -11.82 3.93 -5.41
C ILE C 266 -12.62 3.34 -4.28
N PHE C 267 -12.37 3.82 -3.06
CA PHE C 267 -12.98 3.25 -1.87
C PHE C 267 -14.27 4.00 -1.56
N ALA C 268 -15.35 3.27 -1.39
CA ALA C 268 -16.63 3.83 -0.92
C ALA C 268 -17.01 3.06 0.34
N ASP C 269 -16.30 3.36 1.42
CA ASP C 269 -16.38 2.58 2.66
C ASP C 269 -16.48 3.47 3.89
N GLY C 270 -16.86 4.74 3.70
CA GLY C 270 -16.95 5.66 4.81
C GLY C 270 -15.61 6.11 5.34
N GLY C 271 -14.52 5.77 4.65
CA GLY C 271 -13.17 6.02 5.12
C GLY C 271 -12.63 5.01 6.11
N ALA C 272 -13.34 3.90 6.33
CA ALA C 272 -12.92 2.95 7.34
C ALA C 272 -11.51 2.41 7.08
N HIS C 273 -11.15 2.19 5.80
CA HIS C 273 -9.85 1.55 5.60
C HIS C 273 -8.66 2.45 5.91
N THR C 274 -8.89 3.75 6.14
CA THR C 274 -7.84 4.71 6.44
C THR C 274 -7.60 4.91 7.93
N GLN C 275 -8.33 4.18 8.80
CA GLN C 275 -8.27 4.37 10.23
C GLN C 275 -8.01 3.03 10.91
N LEU C 276 -7.21 3.01 11.97
CA LEU C 276 -6.94 1.73 12.61
C LEU C 276 -7.86 1.42 13.79
N LEU C 277 -8.28 2.41 14.55
CA LEU C 277 -9.25 2.11 15.60
C LEU C 277 -10.45 3.05 15.47
N GLY D 11 26.22 -22.01 12.58
CA GLY D 11 25.41 -21.82 11.40
C GLY D 11 24.05 -21.18 11.67
N LEU D 12 23.54 -20.43 10.68
CA LEU D 12 22.28 -19.72 10.84
C LEU D 12 21.11 -20.67 11.08
N LEU D 13 21.14 -21.86 10.47
CA LEU D 13 20.03 -22.80 10.59
C LEU D 13 20.48 -24.11 11.24
N GLU D 14 21.42 -24.01 12.18
CA GLU D 14 22.01 -25.21 12.80
C GLU D 14 20.95 -26.08 13.44
N GLY D 15 20.93 -27.35 13.04
CA GLY D 15 20.01 -28.31 13.62
C GLY D 15 18.58 -28.25 13.12
N LYS D 16 18.26 -27.35 12.19
CA LYS D 16 16.90 -27.21 11.71
C LYS D 16 16.63 -28.19 10.58
N ARG D 17 15.43 -28.77 10.57
CA ARG D 17 15.01 -29.66 9.51
C ARG D 17 14.06 -28.91 8.58
N ILE D 18 14.39 -28.85 7.30
CA ILE D 18 13.70 -27.96 6.37
C ILE D 18 13.31 -28.72 5.12
N LEU D 19 12.05 -28.59 4.71
CA LEU D 19 11.58 -29.15 3.46
C LEU D 19 11.72 -28.11 2.35
N VAL D 20 12.38 -28.48 1.25
CA VAL D 20 12.57 -27.54 0.15
C VAL D 20 11.91 -28.12 -1.10
N THR D 21 10.85 -27.47 -1.57
CA THR D 21 10.23 -27.83 -2.82
C THR D 21 10.85 -27.02 -3.94
N GLY D 22 10.60 -27.46 -5.18
CA GLY D 22 10.81 -26.60 -6.32
C GLY D 22 12.15 -26.68 -7.00
N ILE D 23 13.02 -27.64 -6.64
CA ILE D 23 14.27 -27.80 -7.37
C ILE D 23 13.97 -28.51 -8.70
N ILE D 24 14.40 -27.89 -9.80
CA ILE D 24 14.32 -28.57 -11.10
C ILE D 24 15.70 -28.57 -11.76
N THR D 25 16.46 -27.47 -11.63
CA THR D 25 17.85 -27.44 -12.09
C THR D 25 18.71 -26.77 -11.03
N ASP D 26 20.03 -26.74 -11.26
CA ASP D 26 20.88 -26.01 -10.34
C ASP D 26 20.78 -24.50 -10.52
N SER D 27 19.96 -24.05 -11.47
CA SER D 27 19.63 -22.64 -11.55
CA SER D 27 19.62 -22.64 -11.57
C SER D 27 18.33 -22.30 -10.82
N SER D 28 17.57 -23.30 -10.39
CA SER D 28 16.36 -23.05 -9.63
C SER D 28 16.68 -22.25 -8.38
N ILE D 29 15.80 -21.29 -8.06
CA ILE D 29 15.96 -20.55 -6.80
C ILE D 29 15.99 -21.52 -5.61
N ALA D 30 15.14 -22.55 -5.62
CA ALA D 30 15.13 -23.52 -4.52
C ALA D 30 16.46 -24.25 -4.38
N PHE D 31 17.18 -24.48 -5.49
CA PHE D 31 18.50 -25.12 -5.40
C PHE D 31 19.48 -24.25 -4.61
N HIS D 32 19.43 -22.93 -4.83
CA HIS D 32 20.31 -22.05 -4.07
C HIS D 32 19.85 -21.87 -2.64
N ILE D 33 18.54 -21.85 -2.39
CA ILE D 33 18.03 -21.90 -1.03
C ILE D 33 18.53 -23.17 -0.33
N ALA D 34 18.36 -24.31 -1.00
CA ALA D 34 18.81 -25.56 -0.39
C ALA D 34 20.30 -25.52 -0.12
N LYS D 35 21.08 -24.97 -1.05
CA LYS D 35 22.52 -24.92 -0.89
C LYS D 35 22.92 -24.09 0.32
N VAL D 36 22.41 -22.87 0.42
CA VAL D 36 22.74 -21.98 1.52
C VAL D 36 22.27 -22.56 2.86
N ALA D 37 21.08 -23.16 2.87
CA ALA D 37 20.55 -23.74 4.09
C ALA D 37 21.47 -24.85 4.61
N GLN D 38 21.98 -25.71 3.72
CA GLN D 38 22.94 -26.75 4.14
C GLN D 38 24.25 -26.15 4.62
N GLU D 39 24.77 -25.14 3.91
CA GLU D 39 25.97 -24.46 4.38
C GLU D 39 25.77 -23.88 5.77
N GLN D 40 24.53 -23.52 6.11
CA GLN D 40 24.23 -22.93 7.41
C GLN D 40 23.76 -23.97 8.42
N GLY D 41 24.03 -25.25 8.18
CA GLY D 41 23.79 -26.29 9.17
C GLY D 41 22.43 -26.97 9.15
N ALA D 42 21.57 -26.64 8.20
CA ALA D 42 20.25 -27.27 8.14
C ALA D 42 20.33 -28.67 7.54
N GLU D 43 19.37 -29.52 7.92
CA GLU D 43 19.19 -30.85 7.33
C GLU D 43 17.94 -30.84 6.46
N LEU D 44 18.07 -31.21 5.19
CA LEU D 44 17.00 -30.95 4.25
C LEU D 44 16.24 -32.21 3.84
N VAL D 45 14.97 -32.02 3.55
CA VAL D 45 14.18 -32.97 2.76
C VAL D 45 13.72 -32.21 1.52
N LEU D 46 13.85 -32.84 0.37
CA LEU D 46 13.52 -32.21 -0.90
C LEU D 46 12.29 -32.88 -1.51
N THR D 47 11.53 -32.12 -2.31
CA THR D 47 10.46 -32.70 -3.10
C THR D 47 10.69 -32.43 -4.57
N GLY D 48 10.14 -33.28 -5.41
CA GLY D 48 10.27 -33.11 -6.84
C GLY D 48 9.01 -33.51 -7.57
N PHE D 49 8.76 -32.81 -8.66
CA PHE D 49 7.58 -32.97 -9.49
C PHE D 49 7.98 -33.52 -10.86
N ASP D 50 7.34 -34.62 -11.27
CA ASP D 50 7.40 -35.16 -12.63
C ASP D 50 8.71 -35.85 -12.99
N ARG D 51 9.80 -35.12 -13.10
CA ARG D 51 11.05 -35.69 -13.62
C ARG D 51 11.98 -36.08 -12.47
N LEU D 52 11.54 -37.07 -11.69
CA LEU D 52 12.22 -37.39 -10.43
C LEU D 52 13.61 -37.96 -10.64
N ARG D 53 13.80 -38.74 -11.71
CA ARG D 53 15.12 -39.29 -11.98
C ARG D 53 16.11 -38.18 -12.26
N LEU D 54 15.70 -37.19 -13.07
CA LEU D 54 16.55 -36.06 -13.35
C LEU D 54 16.79 -35.21 -12.12
N ILE D 55 15.75 -35.00 -11.31
CA ILE D 55 15.90 -34.18 -10.13
C ILE D 55 16.83 -34.86 -9.12
N GLU D 56 16.74 -36.18 -9.00
CA GLU D 56 17.64 -36.89 -8.11
C GLU D 56 19.10 -36.62 -8.47
N ARG D 57 19.43 -36.68 -9.77
CA ARG D 57 20.80 -36.42 -10.20
C ARG D 57 21.19 -34.97 -9.98
N ILE D 58 20.29 -34.03 -10.27
CA ILE D 58 20.60 -32.62 -10.10
C ILE D 58 20.90 -32.29 -8.65
N THR D 59 20.12 -32.85 -7.72
CA THR D 59 20.32 -32.54 -6.32
C THR D 59 21.61 -33.14 -5.75
N GLN D 60 22.26 -34.07 -6.46
CA GLN D 60 23.58 -34.54 -6.05
C GLN D 60 24.63 -33.44 -6.10
N ARG D 61 24.36 -32.33 -6.80
CA ARG D 61 25.28 -31.21 -6.81
C ARG D 61 25.24 -30.38 -5.53
N LEU D 62 24.24 -30.59 -4.68
CA LEU D 62 24.14 -29.85 -3.42
C LEU D 62 25.29 -30.25 -2.49
N PRO D 63 25.64 -29.38 -1.53
CA PRO D 63 26.77 -29.70 -0.64
C PRO D 63 26.61 -31.00 0.13
N LYS D 64 25.39 -31.37 0.51
CA LYS D 64 25.19 -32.51 1.39
C LYS D 64 24.04 -33.36 0.88
N PRO D 65 24.02 -34.65 1.22
CA PRO D 65 22.90 -35.49 0.79
C PRO D 65 21.58 -35.03 1.44
N ALA D 66 20.50 -35.28 0.74
CA ALA D 66 19.18 -35.00 1.24
C ALA D 66 18.21 -35.94 0.53
N PRO D 67 17.30 -36.58 1.26
CA PRO D 67 16.31 -37.45 0.61
C PRO D 67 15.33 -36.66 -0.22
N LEU D 68 14.85 -37.29 -1.30
CA LEU D 68 13.93 -36.68 -2.25
C LEU D 68 12.60 -37.41 -2.24
N LEU D 69 11.51 -36.66 -2.06
CA LEU D 69 10.16 -37.20 -2.02
C LEU D 69 9.36 -36.66 -3.19
N GLU D 70 8.48 -37.49 -3.75
CA GLU D 70 7.66 -37.03 -4.85
C GLU D 70 6.50 -36.19 -4.33
N LEU D 71 6.24 -35.05 -4.99
CA LEU D 71 5.11 -34.21 -4.63
C LEU D 71 4.65 -33.45 -5.87
N ASP D 72 3.49 -33.83 -6.38
CA ASP D 72 2.74 -33.05 -7.35
C ASP D 72 1.64 -32.33 -6.55
N VAL D 73 1.72 -31.00 -6.48
CA VAL D 73 0.81 -30.26 -5.60
C VAL D 73 -0.63 -30.23 -6.11
N GLN D 74 -0.87 -30.68 -7.33
CA GLN D 74 -2.24 -30.88 -7.80
C GLN D 74 -2.80 -32.24 -7.41
N ASN D 75 -1.99 -33.10 -6.79
CA ASN D 75 -2.35 -34.48 -6.48
C ASN D 75 -2.68 -34.63 -5.00
N GLU D 76 -3.96 -34.82 -4.68
CA GLU D 76 -4.39 -34.83 -3.28
C GLU D 76 -3.86 -36.04 -2.52
N GLU D 77 -3.61 -37.16 -3.20
CA GLU D 77 -2.99 -38.31 -2.53
C GLU D 77 -1.54 -38.03 -2.14
N HIS D 78 -0.77 -37.40 -3.04
CA HIS D 78 0.59 -36.96 -2.69
C HIS D 78 0.57 -36.05 -1.47
N LEU D 79 -0.34 -35.06 -1.48
CA LEU D 79 -0.43 -34.13 -0.35
C LEU D 79 -0.85 -34.85 0.92
N GLY D 80 -1.84 -35.73 0.83
CA GLY D 80 -2.35 -36.42 2.01
C GLY D 80 -1.38 -37.39 2.64
N SER D 81 -0.41 -37.91 1.87
CA SER D 81 0.58 -38.83 2.40
C SER D 81 1.89 -38.14 2.77
N LEU D 82 2.03 -36.85 2.45
CA LEU D 82 3.34 -36.19 2.52
C LEU D 82 3.88 -36.18 3.94
N ALA D 83 3.04 -35.81 4.91
CA ALA D 83 3.48 -35.74 6.30
C ALA D 83 4.01 -37.09 6.78
N GLY D 84 3.30 -38.17 6.49
CA GLY D 84 3.80 -39.48 6.86
C GLY D 84 5.09 -39.84 6.15
N ARG D 85 5.21 -39.48 4.88
CA ARG D 85 6.44 -39.74 4.13
C ARG D 85 7.60 -38.89 4.63
N ILE D 86 7.31 -37.67 5.10
CA ILE D 86 8.33 -36.85 5.75
C ILE D 86 8.79 -37.51 7.05
N SER D 87 7.84 -37.96 7.87
CA SER D 87 8.21 -38.61 9.13
C SER D 87 9.09 -39.83 8.88
N GLU D 88 8.82 -40.58 7.80
CA GLU D 88 9.63 -41.76 7.52
C GLU D 88 11.09 -41.41 7.32
N VAL D 89 11.39 -40.25 6.72
CA VAL D 89 12.79 -39.94 6.42
C VAL D 89 13.47 -39.13 7.53
N ILE D 90 12.74 -38.35 8.32
CA ILE D 90 13.44 -37.58 9.35
C ILE D 90 13.45 -38.28 10.71
N GLY D 91 12.66 -39.30 10.90
CA GLY D 91 12.71 -40.03 12.15
C GLY D 91 11.43 -39.89 12.94
N GLU D 92 11.13 -40.94 13.73
CA GLU D 92 9.82 -41.09 14.35
C GLU D 92 9.45 -39.89 15.21
N GLY D 93 10.34 -39.50 16.13
CA GLY D 93 9.99 -38.41 17.03
C GLY D 93 10.41 -37.02 16.60
N ASN D 94 10.63 -36.80 15.31
CA ASN D 94 11.16 -35.54 14.82
C ASN D 94 10.13 -34.81 13.96
N LYS D 95 10.23 -33.48 13.95
CA LYS D 95 9.37 -32.62 13.15
C LYS D 95 10.23 -31.65 12.35
N LEU D 96 9.60 -31.03 11.36
CA LEU D 96 10.22 -30.00 10.55
C LEU D 96 10.22 -28.67 11.28
N ASP D 97 11.25 -27.87 11.03
CA ASP D 97 11.31 -26.50 11.50
C ASP D 97 11.00 -25.49 10.41
N GLY D 98 11.16 -25.87 9.16
CA GLY D 98 10.94 -24.94 8.06
C GLY D 98 10.43 -25.65 6.84
N VAL D 99 9.72 -24.90 5.99
CA VAL D 99 9.20 -25.40 4.73
C VAL D 99 9.36 -24.29 3.71
N VAL D 100 9.85 -24.61 2.52
CA VAL D 100 10.00 -23.63 1.45
C VAL D 100 9.10 -24.04 0.30
N HIS D 101 8.18 -23.15 -0.08
CA HIS D 101 7.39 -23.28 -1.29
C HIS D 101 8.08 -22.46 -2.39
N SER D 102 8.58 -23.13 -3.43
CA SER D 102 9.26 -22.46 -4.53
C SER D 102 8.72 -23.08 -5.82
N ILE D 103 7.40 -22.97 -5.97
CA ILE D 103 6.62 -23.68 -6.98
C ILE D 103 5.81 -22.62 -7.70
N GLY D 104 5.94 -22.58 -9.02
CA GLY D 104 5.17 -21.63 -9.78
C GLY D 104 4.99 -22.14 -11.18
N PHE D 105 3.84 -21.88 -11.78
CA PHE D 105 3.63 -22.31 -13.15
C PHE D 105 2.45 -21.57 -13.76
N MET D 106 2.57 -21.20 -15.03
CA MET D 106 1.46 -20.68 -15.76
C MET D 106 1.60 -21.12 -17.20
N PRO D 107 0.58 -21.75 -17.79
CA PRO D 107 0.69 -22.12 -19.20
C PRO D 107 1.03 -20.91 -20.07
N GLN D 108 1.67 -21.19 -21.21
CA GLN D 108 2.13 -20.13 -22.10
C GLN D 108 1.02 -19.19 -22.53
N SER D 109 -0.21 -19.69 -22.65
CA SER D 109 -1.32 -18.82 -23.04
C SER D 109 -1.51 -17.68 -22.05
N GLY D 110 -1.10 -17.85 -20.80
CA GLY D 110 -1.27 -16.86 -19.77
C GLY D 110 -0.12 -15.90 -19.60
N MET D 111 0.87 -15.93 -20.48
CA MET D 111 2.07 -15.12 -20.32
C MET D 111 2.55 -14.62 -21.68
N GLY D 112 3.56 -13.77 -21.64
CA GLY D 112 4.35 -13.51 -22.85
C GLY D 112 3.66 -12.58 -23.82
N VAL D 113 3.81 -12.87 -25.11
CA VAL D 113 3.13 -12.07 -26.13
C VAL D 113 1.71 -12.58 -26.40
N ASN D 114 1.28 -13.60 -25.70
CA ASN D 114 -0.06 -14.10 -25.93
C ASN D 114 -1.04 -13.12 -25.28
N PRO D 115 -2.07 -12.67 -26.00
CA PRO D 115 -2.90 -11.59 -25.47
C PRO D 115 -3.60 -11.99 -24.18
N PHE D 116 -3.65 -11.03 -23.25
CA PHE D 116 -4.21 -11.30 -21.93
C PHE D 116 -5.62 -11.90 -22.03
N PHE D 117 -6.44 -11.36 -22.93
CA PHE D 117 -7.85 -11.76 -23.06
C PHE D 117 -8.01 -13.15 -23.66
N ASP D 118 -6.97 -13.71 -24.26
CA ASP D 118 -7.08 -14.97 -24.98
C ASP D 118 -6.67 -16.17 -24.15
N ALA D 119 -6.24 -15.95 -22.92
CA ALA D 119 -5.87 -17.08 -22.07
C ALA D 119 -7.13 -17.85 -21.67
N PRO D 120 -7.25 -19.13 -22.03
CA PRO D 120 -8.45 -19.88 -21.67
C PRO D 120 -8.48 -20.15 -20.17
N PHE D 121 -9.69 -20.21 -19.63
CA PHE D 121 -9.80 -20.35 -18.18
C PHE D 121 -9.11 -21.60 -17.67
N ALA D 122 -9.21 -22.71 -18.41
CA ALA D 122 -8.59 -23.94 -17.95
C ALA D 122 -7.09 -23.75 -17.72
N ASP D 123 -6.43 -22.97 -18.59
CA ASP D 123 -5.01 -22.69 -18.41
C ASP D 123 -4.77 -21.82 -17.17
N VAL D 124 -5.53 -20.72 -17.03
CA VAL D 124 -5.32 -19.82 -15.90
C VAL D 124 -5.60 -20.53 -14.59
N SER D 125 -6.65 -21.35 -14.56
CA SER D 125 -7.00 -22.11 -13.35
C SER D 125 -5.87 -23.05 -12.95
N LYS D 126 -5.27 -23.76 -13.92
CA LYS D 126 -4.11 -24.60 -13.60
C LYS D 126 -2.97 -23.77 -13.03
N GLY D 127 -2.71 -22.60 -13.62
CA GLY D 127 -1.66 -21.74 -13.11
C GLY D 127 -1.97 -21.22 -11.71
N PHE D 128 -3.24 -20.86 -11.48
CA PHE D 128 -3.66 -20.45 -10.16
C PHE D 128 -3.51 -21.58 -9.15
N HIS D 129 -3.82 -22.82 -9.59
CA HIS D 129 -3.70 -23.98 -8.70
C HIS D 129 -2.26 -24.17 -8.23
N ILE D 130 -1.33 -24.22 -9.18
CA ILE D 130 0.06 -24.55 -8.85
C ILE D 130 0.72 -23.37 -8.13
N SER D 131 0.42 -22.14 -8.55
CA SER D 131 1.17 -20.99 -8.07
C SER D 131 0.58 -20.33 -6.82
N ALA D 132 -0.71 -20.50 -6.55
CA ALA D 132 -1.28 -19.77 -5.43
C ALA D 132 -2.01 -20.70 -4.47
N PHE D 133 -2.96 -21.47 -4.98
CA PHE D 133 -3.70 -22.41 -4.14
C PHE D 133 -2.77 -23.39 -3.44
N SER D 134 -1.72 -23.85 -4.13
CA SER D 134 -0.85 -24.88 -3.56
C SER D 134 -0.03 -24.36 -2.39
N TYR D 135 0.07 -23.03 -2.20
CA TYR D 135 0.73 -22.55 -0.98
C TYR D 135 -0.08 -22.96 0.25
N SER D 136 -1.41 -22.85 0.14
CA SER D 136 -2.30 -23.34 1.18
C SER D 136 -2.27 -24.87 1.29
N SER D 137 -2.33 -25.55 0.14
CA SER D 137 -2.30 -27.02 0.16
C SER D 137 -1.06 -27.54 0.85
N LEU D 138 0.09 -26.96 0.52
CA LEU D 138 1.35 -27.42 1.12
C LEU D 138 1.36 -27.16 2.60
N ALA D 139 0.88 -25.98 3.02
CA ALA D 139 0.84 -25.66 4.45
C ALA D 139 -0.06 -26.65 5.19
N LYS D 140 -1.25 -26.92 4.64
CA LYS D 140 -2.16 -27.89 5.25
C LYS D 140 -1.47 -29.24 5.45
N ALA D 141 -0.66 -29.67 4.46
CA ALA D 141 -0.04 -30.99 4.50
C ALA D 141 1.11 -31.07 5.51
N VAL D 142 1.87 -29.99 5.69
CA VAL D 142 3.12 -30.11 6.46
C VAL D 142 2.97 -29.62 7.89
N LEU D 143 2.01 -28.72 8.15
CA LEU D 143 1.84 -28.18 9.49
C LEU D 143 1.68 -29.26 10.57
N PRO D 144 1.01 -30.39 10.34
CA PRO D 144 0.96 -31.43 11.39
C PRO D 144 2.33 -31.99 11.77
N VAL D 145 3.34 -31.87 10.92
CA VAL D 145 4.67 -32.38 11.25
C VAL D 145 5.66 -31.22 11.37
N MET D 146 5.16 -30.04 11.75
CA MET D 146 6.00 -28.88 11.99
C MET D 146 6.08 -28.53 13.47
N ASN D 147 7.28 -28.19 13.92
CA ASN D 147 7.48 -27.72 15.28
C ASN D 147 6.84 -26.36 15.49
N ARG D 148 6.43 -26.11 16.74
CA ARG D 148 6.14 -24.74 17.15
C ARG D 148 7.40 -23.90 16.97
N GLY D 149 7.22 -22.63 16.59
CA GLY D 149 8.35 -21.81 16.24
C GLY D 149 8.84 -22.00 14.83
N GLY D 150 8.17 -22.82 14.03
CA GLY D 150 8.57 -23.08 12.67
C GLY D 150 8.30 -21.92 11.73
N SER D 151 8.70 -22.11 10.47
CA SER D 151 8.62 -21.06 9.46
C SER D 151 8.35 -21.67 8.10
N ILE D 152 7.32 -21.14 7.43
CA ILE D 152 6.96 -21.49 6.05
C ILE D 152 7.24 -20.27 5.21
N VAL D 153 7.99 -20.44 4.11
CA VAL D 153 8.34 -19.33 3.23
C VAL D 153 7.98 -19.69 1.81
N GLY D 154 7.35 -18.74 1.09
CA GLY D 154 7.06 -18.94 -0.32
C GLY D 154 7.70 -17.86 -1.18
N MET D 155 7.87 -18.11 -2.48
CA MET D 155 8.50 -17.17 -3.39
C MET D 155 7.43 -16.35 -4.11
N ASP D 156 7.66 -15.04 -4.17
CA ASP D 156 6.72 -14.05 -4.68
C ASP D 156 7.46 -13.17 -5.68
N PHE D 157 6.72 -12.57 -6.62
CA PHE D 157 7.23 -11.52 -7.51
C PHE D 157 6.22 -10.39 -7.44
N ASP D 158 6.64 -9.21 -6.97
CA ASP D 158 5.76 -8.10 -6.61
C ASP D 158 4.69 -7.85 -7.67
N PRO D 159 3.40 -8.08 -7.34
CA PRO D 159 2.33 -7.96 -8.33
C PRO D 159 1.44 -6.75 -8.08
N THR D 160 1.95 -5.80 -7.29
CA THR D 160 1.20 -4.60 -6.92
C THR D 160 0.81 -3.79 -8.16
N ARG D 161 1.66 -3.83 -9.19
CA ARG D 161 1.44 -3.10 -10.44
C ARG D 161 1.46 -4.07 -11.62
N ALA D 162 0.67 -3.76 -12.65
CA ALA D 162 0.67 -4.63 -13.82
C ALA D 162 1.96 -4.43 -14.61
N MET D 163 2.37 -5.49 -15.33
CA MET D 163 3.58 -5.42 -16.14
CA MET D 163 3.64 -5.52 -16.08
C MET D 163 3.38 -6.23 -17.41
N PRO D 164 4.01 -5.82 -18.51
CA PRO D 164 3.87 -6.61 -19.75
C PRO D 164 4.41 -8.04 -19.56
N ALA D 165 3.86 -8.95 -20.35
CA ALA D 165 4.32 -10.35 -20.44
C ALA D 165 4.01 -11.20 -19.22
N TYR D 166 4.11 -10.67 -18.00
CA TYR D 166 3.84 -11.53 -16.85
C TYR D 166 2.35 -11.84 -16.72
N ASN D 167 1.49 -10.93 -17.18
CA ASN D 167 0.07 -11.21 -17.36
C ASN D 167 -0.56 -12.07 -16.25
N TRP D 168 -1.05 -13.26 -16.58
CA TRP D 168 -1.80 -14.01 -15.58
C TRP D 168 -0.94 -14.54 -14.44
N MET D 169 0.38 -14.65 -14.63
CA MET D 169 1.23 -15.02 -13.50
C MET D 169 1.25 -13.92 -12.43
N THR D 170 1.17 -12.67 -12.85
CA THR D 170 1.03 -11.59 -11.89
C THR D 170 -0.27 -11.73 -11.11
N VAL D 171 -1.35 -12.07 -11.80
CA VAL D 171 -2.63 -12.28 -11.11
C VAL D 171 -2.51 -13.41 -10.09
N ALA D 172 -1.86 -14.52 -10.48
CA ALA D 172 -1.66 -15.64 -9.55
C ALA D 172 -0.83 -15.21 -8.34
N LYS D 173 0.19 -14.37 -8.54
CA LYS D 173 0.98 -13.86 -7.43
C LYS D 173 0.16 -12.94 -6.52
N SER D 174 -0.74 -12.12 -7.10
CA SER D 174 -1.66 -11.34 -6.27
C SER D 174 -2.49 -12.25 -5.39
N ALA D 175 -2.98 -13.35 -5.96
CA ALA D 175 -3.70 -14.36 -5.20
C ALA D 175 -2.81 -15.00 -4.14
N LEU D 176 -1.57 -15.33 -4.50
CA LEU D 176 -0.64 -15.94 -3.55
C LEU D 176 -0.41 -15.07 -2.32
N GLU D 177 -0.24 -13.76 -2.50
CA GLU D 177 -0.09 -12.88 -1.35
C GLU D 177 -1.28 -12.94 -0.40
N SER D 178 -2.49 -13.01 -0.96
CA SER D 178 -3.69 -13.13 -0.12
C SER D 178 -3.72 -14.50 0.57
N VAL D 179 -3.37 -15.57 -0.15
CA VAL D 179 -3.34 -16.91 0.46
C VAL D 179 -2.38 -16.95 1.65
N ASN D 180 -1.21 -16.31 1.50
CA ASN D 180 -0.21 -16.24 2.57
C ASN D 180 -0.78 -15.61 3.85
N ARG D 181 -1.59 -14.56 3.71
CA ARG D 181 -2.15 -13.91 4.89
C ARG D 181 -3.12 -14.84 5.61
N PHE D 182 -3.88 -15.64 4.85
CA PHE D 182 -4.76 -16.61 5.51
C PHE D 182 -4.01 -17.83 6.04
N VAL D 183 -2.98 -18.28 5.32
CA VAL D 183 -2.11 -19.35 5.86
C VAL D 183 -1.48 -18.91 7.16
N ALA D 184 -1.09 -17.63 7.28
CA ALA D 184 -0.51 -17.15 8.53
C ALA D 184 -1.48 -17.32 9.69
N ARG D 185 -2.77 -17.11 9.44
CA ARG D 185 -3.76 -17.27 10.50
C ARG D 185 -3.83 -18.72 10.96
N GLU D 186 -3.85 -19.67 10.03
CA GLU D 186 -3.86 -21.10 10.40
C GLU D 186 -2.56 -21.52 11.05
N ALA D 187 -1.41 -21.15 10.44
CA ALA D 187 -0.14 -21.57 11.00
C ALA D 187 0.12 -20.94 12.35
N GLY D 188 -0.36 -19.71 12.56
CA GLY D 188 -0.17 -19.06 13.84
C GLY D 188 -0.83 -19.79 14.98
N LYS D 189 -1.89 -20.55 14.70
CA LYS D 189 -2.56 -21.33 15.73
C LYS D 189 -1.62 -22.34 16.35
N VAL D 190 -0.61 -22.81 15.61
CA VAL D 190 0.33 -23.78 16.11
C VAL D 190 1.75 -23.19 16.20
N GLY D 191 1.84 -21.86 16.29
CA GLY D 191 3.11 -21.22 16.54
C GLY D 191 4.03 -21.21 15.33
N VAL D 192 3.48 -21.26 14.13
CA VAL D 192 4.28 -21.28 12.91
C VAL D 192 4.05 -19.98 12.15
N ARG D 193 5.14 -19.41 11.60
CA ARG D 193 5.08 -18.21 10.79
C ARG D 193 4.92 -18.56 9.31
N SER D 194 4.34 -17.62 8.55
CA SER D 194 4.19 -17.81 7.12
C SER D 194 4.51 -16.49 6.44
N ASN D 195 5.43 -16.50 5.48
CA ASN D 195 5.85 -15.25 4.84
C ASN D 195 6.24 -15.53 3.41
N LEU D 196 6.22 -14.49 2.60
CA LEU D 196 6.72 -14.56 1.24
C LEU D 196 7.97 -13.70 1.09
N VAL D 197 8.85 -14.11 0.18
CA VAL D 197 9.98 -13.31 -0.27
C VAL D 197 9.65 -12.87 -1.69
N ALA D 198 9.54 -11.55 -1.88
CA ALA D 198 9.31 -10.97 -3.20
C ALA D 198 10.69 -10.70 -3.80
N ALA D 199 11.11 -11.54 -4.72
CA ALA D 199 12.44 -11.43 -5.31
C ALA D 199 12.40 -10.56 -6.56
N GLY D 200 13.53 -9.92 -6.86
CA GLY D 200 13.73 -9.32 -8.18
C GLY D 200 13.87 -10.42 -9.22
N PRO D 201 13.93 -10.04 -10.49
CA PRO D 201 13.92 -11.06 -11.55
C PRO D 201 15.20 -11.90 -11.55
N ILE D 202 15.03 -13.21 -11.75
CA ILE D 202 16.13 -14.19 -11.73
C ILE D 202 16.03 -15.06 -12.99
N ARG D 203 17.16 -15.36 -13.61
CA ARG D 203 17.15 -16.23 -14.79
C ARG D 203 16.95 -17.68 -14.36
N THR D 204 15.74 -18.21 -14.59
CA THR D 204 15.40 -19.60 -14.32
C THR D 204 14.54 -20.13 -15.46
N LEU D 205 14.18 -21.41 -15.40
CA LEU D 205 13.26 -21.94 -16.40
C LEU D 205 11.89 -21.30 -16.28
N ALA D 206 11.38 -21.12 -15.05
CA ALA D 206 10.05 -20.55 -14.86
C ALA D 206 9.96 -19.12 -15.39
N MET D 207 10.99 -18.30 -15.15
CA MET D 207 10.96 -16.93 -15.61
C MET D 207 11.25 -16.81 -17.10
N SER D 208 11.94 -17.81 -17.68
CA SER D 208 12.11 -17.84 -19.14
C SER D 208 10.81 -18.19 -19.86
N ALA D 209 9.91 -18.92 -19.17
CA ALA D 209 8.58 -19.16 -19.71
C ALA D 209 7.81 -17.86 -19.91
N ILE D 210 8.08 -16.84 -19.09
CA ILE D 210 7.37 -15.57 -19.21
C ILE D 210 7.63 -14.95 -20.57
N VAL D 211 8.83 -15.11 -21.12
CA VAL D 211 9.17 -14.63 -22.47
C VAL D 211 8.54 -15.55 -23.51
N ALA D 214 13.54 -14.43 -29.65
CA ALA D 214 12.93 -15.72 -29.32
C ALA D 214 11.44 -15.71 -29.59
N LEU D 215 10.70 -14.87 -28.85
CA LEU D 215 9.27 -14.68 -29.05
C LEU D 215 8.99 -13.32 -29.70
N GLY D 216 9.77 -12.94 -30.69
CA GLY D 216 9.58 -11.69 -31.39
C GLY D 216 10.33 -10.53 -30.75
N ASP D 217 10.25 -9.38 -31.43
CA ASP D 217 10.96 -8.19 -30.96
C ASP D 217 10.23 -7.45 -29.84
N GLU D 218 8.90 -7.50 -29.81
CA GLU D 218 8.16 -6.79 -28.77
C GLU D 218 8.41 -7.43 -27.40
N ALA D 219 8.39 -8.76 -27.33
CA ALA D 219 8.68 -9.44 -26.08
C ALA D 219 10.12 -9.21 -25.65
N GLY D 220 11.05 -9.28 -26.60
CA GLY D 220 12.45 -9.01 -26.30
C GLY D 220 12.66 -7.62 -25.73
N GLN D 221 12.07 -6.61 -26.38
CA GLN D 221 12.23 -5.24 -25.91
C GLN D 221 11.62 -5.06 -24.53
N GLN D 222 10.46 -5.68 -24.28
CA GLN D 222 9.81 -5.56 -22.97
C GLN D 222 10.71 -6.10 -21.86
N MET D 223 11.31 -7.27 -22.04
CA MET D 223 12.10 -7.86 -20.97
C MET D 223 13.42 -7.11 -20.75
N GLN D 224 14.07 -6.68 -21.84
CA GLN D 224 15.29 -5.90 -21.69
C GLN D 224 15.00 -4.66 -20.84
N LEU D 225 13.91 -3.96 -21.16
CA LEU D 225 13.57 -2.75 -20.41
C LEU D 225 13.26 -3.07 -18.96
N LEU D 226 12.55 -4.18 -18.72
CA LEU D 226 12.28 -4.60 -17.34
C LEU D 226 13.58 -4.84 -16.58
N GLU D 227 14.47 -5.67 -17.14
CA GLU D 227 15.77 -5.95 -16.53
C GLU D 227 16.63 -4.71 -16.45
N GLU D 228 16.70 -3.95 -17.54
CA GLU D 228 17.50 -2.73 -17.51
C GLU D 228 17.02 -1.84 -16.38
N GLY D 229 15.70 -1.66 -16.30
CA GLY D 229 15.13 -0.76 -15.31
C GLY D 229 15.29 -1.24 -13.89
N TRP D 230 15.32 -2.55 -13.66
CA TRP D 230 15.41 -3.07 -12.29
C TRP D 230 16.76 -2.75 -11.67
N ASP D 231 17.86 -3.05 -12.37
CA ASP D 231 19.17 -2.67 -11.85
C ASP D 231 19.28 -1.16 -11.71
N GLN D 232 18.68 -0.42 -12.64
CA GLN D 232 18.69 1.05 -12.58
C GLN D 232 17.95 1.56 -11.34
N ARG D 233 16.75 1.03 -11.07
CA ARG D 233 15.95 1.54 -9.97
C ARG D 233 16.53 1.14 -8.62
N ALA D 234 17.09 -0.05 -8.52
CA ALA D 234 17.59 -0.58 -7.26
C ALA D 234 18.76 0.27 -6.76
N PRO D 235 18.67 0.86 -5.55
CA PRO D 235 19.80 1.67 -5.05
C PRO D 235 21.09 0.89 -4.86
N ILE D 236 21.03 -0.41 -4.62
CA ILE D 236 22.23 -1.23 -4.50
C ILE D 236 22.41 -2.15 -5.71
N GLY D 237 21.70 -1.88 -6.79
CA GLY D 237 21.83 -2.67 -8.00
C GLY D 237 21.10 -4.01 -7.93
N TRP D 238 21.06 -4.67 -9.08
CA TRP D 238 20.41 -5.97 -9.13
C TRP D 238 21.11 -6.82 -10.17
N ASP D 239 21.45 -8.05 -9.79
CA ASP D 239 22.14 -8.97 -10.70
C ASP D 239 21.22 -10.14 -10.95
N MET D 240 20.61 -10.19 -12.13
CA MET D 240 19.65 -11.23 -12.46
C MET D 240 20.30 -12.61 -12.61
N LYS D 241 21.62 -12.67 -12.72
CA LYS D 241 22.31 -13.95 -12.82
C LYS D 241 22.74 -14.48 -11.46
N ASP D 242 22.43 -13.79 -10.36
CA ASP D 242 22.92 -14.15 -9.02
C ASP D 242 21.75 -14.37 -8.06
N PRO D 243 21.32 -15.61 -7.85
CA PRO D 243 20.23 -15.88 -6.89
C PRO D 243 20.64 -15.87 -5.43
N THR D 244 21.93 -15.76 -5.12
CA THR D 244 22.40 -15.89 -3.74
C THR D 244 21.72 -14.92 -2.78
N PRO D 245 21.57 -13.62 -3.08
CA PRO D 245 20.91 -12.73 -2.12
C PRO D 245 19.48 -13.14 -1.83
N VAL D 246 18.76 -13.67 -2.82
CA VAL D 246 17.41 -14.16 -2.58
C VAL D 246 17.45 -15.39 -1.66
N ALA D 247 18.39 -16.30 -1.92
CA ALA D 247 18.52 -17.52 -1.11
C ALA D 247 18.83 -17.17 0.34
N LYS D 248 19.71 -16.20 0.57
CA LYS D 248 20.02 -15.77 1.93
C LYS D 248 18.80 -15.17 2.63
N THR D 249 18.01 -14.37 1.91
CA THR D 249 16.82 -13.76 2.51
C THR D 249 15.82 -14.81 2.95
N VAL D 250 15.63 -15.86 2.15
CA VAL D 250 14.76 -16.96 2.54
C VAL D 250 15.30 -17.64 3.79
N CYS D 251 16.61 -17.85 3.84
CA CYS D 251 17.22 -18.44 5.02
C CYS D 251 17.06 -17.54 6.25
N ALA D 252 17.10 -16.23 6.05
CA ALA D 252 16.80 -15.29 7.13
C ALA D 252 15.39 -15.53 7.68
N LEU D 253 14.41 -15.71 6.79
CA LEU D 253 13.05 -15.96 7.27
C LEU D 253 12.87 -17.36 7.87
N LEU D 254 13.68 -18.33 7.43
CA LEU D 254 13.61 -19.65 8.05
C LEU D 254 14.27 -19.64 9.42
N SER D 255 15.14 -18.67 9.69
CA SER D 255 15.87 -18.65 10.94
C SER D 255 14.99 -18.12 12.07
N ASP D 256 15.58 -17.97 13.26
CA ASP D 256 14.87 -17.40 14.40
C ASP D 256 15.04 -15.89 14.52
N TRP D 257 15.55 -15.23 13.48
CA TRP D 257 15.94 -13.82 13.58
C TRP D 257 14.87 -12.85 13.08
N LEU D 258 13.75 -13.34 12.53
CA LEU D 258 12.57 -12.51 12.29
C LEU D 258 11.37 -13.14 12.99
N PRO D 259 11.42 -13.26 14.32
CA PRO D 259 10.44 -14.08 15.05
C PRO D 259 9.07 -13.44 15.21
N ALA D 260 8.90 -12.15 14.91
CA ALA D 260 7.60 -11.49 15.01
C ALA D 260 7.06 -11.05 13.66
N THR D 261 7.50 -11.68 12.58
CA THR D 261 7.09 -11.35 11.22
C THR D 261 6.30 -12.53 10.68
N THR D 262 5.04 -12.29 10.34
CA THR D 262 4.25 -13.36 9.74
C THR D 262 3.15 -12.74 8.90
N GLY D 263 2.64 -13.53 7.96
CA GLY D 263 1.66 -13.05 7.00
C GLY D 263 2.20 -11.98 6.09
N ASP D 264 3.51 -11.86 5.98
CA ASP D 264 4.14 -10.66 5.44
C ASP D 264 4.89 -10.98 4.15
N ILE D 265 5.44 -9.93 3.55
CA ILE D 265 6.19 -9.99 2.30
C ILE D 265 7.50 -9.25 2.56
N ILE D 266 8.62 -9.93 2.36
CA ILE D 266 9.94 -9.35 2.52
C ILE D 266 10.56 -9.23 1.13
N PHE D 267 11.02 -8.03 0.78
CA PHE D 267 11.54 -7.78 -0.56
C PHE D 267 13.04 -8.05 -0.61
N ALA D 268 13.45 -8.88 -1.57
CA ALA D 268 14.85 -9.11 -1.91
C ALA D 268 15.01 -8.74 -3.39
N ASP D 269 14.96 -7.43 -3.66
CA ASP D 269 14.86 -6.94 -5.02
C ASP D 269 15.80 -5.77 -5.27
N GLY D 270 16.81 -5.59 -4.43
CA GLY D 270 17.73 -4.46 -4.52
C GLY D 270 17.14 -3.15 -4.09
N GLY D 271 15.92 -3.16 -3.55
CA GLY D 271 15.22 -1.94 -3.26
C GLY D 271 14.52 -1.32 -4.44
N ALA D 272 14.43 -2.04 -5.56
CA ALA D 272 13.86 -1.46 -6.78
C ALA D 272 12.43 -0.99 -6.57
N HIS D 273 11.62 -1.75 -5.81
CA HIS D 273 10.21 -1.40 -5.70
C HIS D 273 9.98 -0.13 -4.90
N THR D 274 10.99 0.37 -4.21
CA THR D 274 10.91 1.59 -3.42
C THR D 274 11.26 2.83 -4.21
N GLN D 275 11.60 2.66 -5.51
CA GLN D 275 12.06 3.80 -6.31
C GLN D 275 11.21 3.89 -7.57
N LEU D 276 10.89 5.11 -7.97
CA LEU D 276 10.10 5.22 -9.18
C LEU D 276 11.02 5.31 -10.38
N LEU D 277 11.99 6.23 -10.29
CA LEU D 277 13.04 6.40 -11.32
C LEU D 277 14.35 6.46 -10.59
#